data_8EBF
#
_entry.id   8EBF
#
_cell.length_a   50.656
_cell.length_b   100.093
_cell.length_c   170.205
_cell.angle_alpha   90
_cell.angle_beta   90
_cell.angle_gamma   90
#
_symmetry.space_group_name_H-M   'P 21 21 21'
#
loop_
_entity.id
_entity.type
_entity.pdbx_description
1 polymer 'Cytoplasmic membrane protein'
2 non-polymer GLYCEROL
3 non-polymer 'ACETATE ION'
4 water water
#
_entity_poly.entity_id   1
_entity_poly.type   'polypeptide(L)'
_entity_poly.pdbx_seq_one_letter_code
;HHHHHHTILGIAATIFIVVGGTLFYRNFIVPKQAAQYYDQGLTLIREAGAYPKNSETRKRKFFEAEESFARGENILPNHL
KYLNLYGIEYTRVEEYDRAFEKLFGKVSPDFGAGGEEPSSNAWDKREKVPIITLAKGQVWDNSKLPIAGKVGSENRMTLI
AQDGIQRKILKAGAYIVMRLEKQTHDNPTYKNLGRFHSSIMPSFTESSLGGGKYKNDQLAINFYKQVYTDGNEPYDEEST
AGIAKIYYNRREFGKAASFYNKIVEIDPSSPMGQGGLLSTYIEMWKEDGNPQFVINHHRQIKNNLEIEKKLSLHVLSKLA
SFYTNLNKKELRIRYNINPIDQVSGMEVNDNALEILDLIYHKTEKDPITGTEIEGSNYAEGYYQRGRYFASIKESIQARR
FFEKAATLDPAHYLASMELGENAIRLANFGEADKLLNESLKRFENFKQSYGAREEDETLIQGNVGRIYFDKARIQYLSAA
GIHEKDKITEFPGRKIYPFRARAAMDTVAKTRSMELKNSLEGFSKAESVQTDENEYTLIRRWRTPLPPEIQRELRYFKGW
VDYMSGDFAASLNEWSGFEDEEEYNHSTLLMGKANAFFYTGQYKASLGNYLKVQDDMEEKLLNMGLPKPDDPYHQEVYQT
LVAAYNNIGAVYEKQGNTSEALKHYWKAIETARKINEVSEIAMSNKDLMFKKEAIGQDPLLEDWLSPTLDSIKKLTRE
;
_entity_poly.pdbx_strand_id   A
#
# COMPACT_ATOMS: atom_id res chain seq x y z
N LYS A 32 -17.84 7.67 37.87
CA LYS A 32 -19.25 7.37 38.12
C LYS A 32 -19.55 5.86 38.01
N GLN A 33 -20.62 5.40 38.70
CA GLN A 33 -21.06 4.00 38.61
C GLN A 33 -21.68 3.77 37.24
N ALA A 34 -22.45 4.77 36.72
CA ALA A 34 -23.04 4.73 35.39
C ALA A 34 -21.91 4.59 34.35
N ALA A 35 -20.82 5.38 34.50
CA ALA A 35 -19.64 5.37 33.64
C ALA A 35 -18.96 4.03 33.62
N GLN A 36 -19.03 3.26 34.72
CA GLN A 36 -18.42 1.93 34.76
C GLN A 36 -19.18 0.96 33.82
N TYR A 37 -20.54 1.04 33.82
CA TYR A 37 -21.39 0.22 32.94
C TYR A 37 -21.20 0.67 31.49
N TYR A 38 -21.17 2.00 31.28
CA TYR A 38 -20.96 2.58 29.96
C TYR A 38 -19.62 2.15 29.38
N ASP A 39 -18.55 2.11 30.22
CA ASP A 39 -17.20 1.71 29.79
C ASP A 39 -17.16 0.23 29.41
N GLN A 40 -17.86 -0.61 30.18
CA GLN A 40 -17.97 -2.06 29.97
C GLN A 40 -18.59 -2.36 28.60
N GLY A 41 -19.61 -1.60 28.24
CA GLY A 41 -20.30 -1.73 26.96
C GLY A 41 -19.43 -1.30 25.79
N LEU A 42 -18.56 -0.30 25.99
CA LEU A 42 -17.63 0.13 24.94
C LEU A 42 -16.58 -0.96 24.66
N THR A 43 -16.15 -1.68 25.71
CA THR A 43 -15.19 -2.76 25.64
C THR A 43 -15.80 -3.94 24.90
N LEU A 44 -17.08 -4.26 25.16
CA LEU A 44 -17.82 -5.33 24.51
C LEU A 44 -18.00 -5.04 23.02
N ILE A 45 -18.14 -3.77 22.63
CA ILE A 45 -18.26 -3.41 21.23
C ILE A 45 -16.92 -3.64 20.54
N ARG A 46 -15.80 -3.20 21.16
CA ARG A 46 -14.45 -3.39 20.62
C ARG A 46 -14.16 -4.90 20.50
N GLU A 47 -14.55 -5.68 21.52
CA GLU A 47 -14.39 -7.13 21.58
C GLU A 47 -15.14 -7.82 20.43
N ALA A 48 -16.40 -7.40 20.18
CA ALA A 48 -17.23 -7.94 19.09
C ALA A 48 -16.63 -7.71 17.71
N GLY A 49 -15.80 -6.68 17.57
CA GLY A 49 -15.13 -6.35 16.32
C GLY A 49 -14.22 -7.41 15.78
N ALA A 50 -13.72 -8.29 16.66
CA ALA A 50 -12.86 -9.40 16.24
C ALA A 50 -13.66 -10.64 15.80
N TYR A 51 -14.96 -10.47 15.51
CA TYR A 51 -15.84 -11.54 15.07
C TYR A 51 -16.54 -11.13 13.78
N PRO A 52 -16.76 -12.08 12.86
CA PRO A 52 -17.43 -11.73 11.60
C PRO A 52 -18.86 -11.25 11.83
N LYS A 53 -19.36 -10.43 10.92
CA LYS A 53 -20.75 -9.97 10.99
C LYS A 53 -21.69 -11.18 10.84
N ASN A 54 -22.85 -11.14 11.49
CA ASN A 54 -23.81 -12.24 11.43
C ASN A 54 -23.40 -13.47 12.25
N SER A 55 -22.37 -13.34 13.12
CA SER A 55 -21.93 -14.46 13.96
C SER A 55 -22.54 -14.41 15.34
N GLU A 56 -22.75 -15.58 15.94
CA GLU A 56 -23.34 -15.80 17.25
C GLU A 56 -22.68 -14.96 18.33
N THR A 57 -21.34 -14.91 18.34
CA THR A 57 -20.61 -14.15 19.34
C THR A 57 -20.72 -12.63 19.10
N ARG A 58 -20.70 -12.20 17.84
CA ARG A 58 -20.81 -10.78 17.53
C ARG A 58 -22.13 -10.19 18.03
N LYS A 59 -23.26 -10.89 17.76
CA LYS A 59 -24.59 -10.49 18.17
C LYS A 59 -24.72 -10.51 19.69
N ARG A 60 -24.15 -11.54 20.33
CA ARG A 60 -24.17 -11.70 21.78
C ARG A 60 -23.42 -10.56 22.46
N LYS A 61 -22.24 -10.18 21.95
CA LYS A 61 -21.45 -9.11 22.55
C LYS A 61 -22.09 -7.73 22.39
N PHE A 62 -22.88 -7.51 21.32
CA PHE A 62 -23.57 -6.24 21.12
C PHE A 62 -24.77 -6.13 22.07
N PHE A 63 -25.45 -7.27 22.34
CA PHE A 63 -26.60 -7.38 23.23
C PHE A 63 -26.16 -7.06 24.66
N GLU A 64 -24.98 -7.57 25.07
CA GLU A 64 -24.39 -7.35 26.38
C GLU A 64 -23.92 -5.90 26.51
N ALA A 65 -23.39 -5.31 25.42
CA ALA A 65 -22.97 -3.90 25.40
C ALA A 65 -24.17 -2.99 25.60
N GLU A 66 -25.32 -3.33 25.00
CA GLU A 66 -26.52 -2.51 25.14
C GLU A 66 -27.24 -2.69 26.49
N GLU A 67 -27.01 -3.84 27.14
CA GLU A 67 -27.51 -4.09 28.48
C GLU A 67 -26.69 -3.26 29.46
N SER A 68 -25.35 -3.20 29.26
CA SER A 68 -24.45 -2.37 30.04
C SER A 68 -24.82 -0.90 29.80
N PHE A 69 -25.09 -0.50 28.54
CA PHE A 69 -25.52 0.85 28.22
C PHE A 69 -26.82 1.20 28.97
N ALA A 70 -27.78 0.25 29.05
CA ALA A 70 -29.06 0.44 29.73
C ALA A 70 -28.91 0.53 31.26
N ARG A 71 -27.88 -0.14 31.81
CA ARG A 71 -27.59 -0.06 33.25
C ARG A 71 -27.09 1.37 33.52
N GLY A 72 -26.16 1.85 32.69
CA GLY A 72 -25.60 3.20 32.77
C GLY A 72 -26.63 4.27 32.47
N GLU A 73 -27.62 3.96 31.63
CA GLU A 73 -28.71 4.88 31.28
C GLU A 73 -29.72 4.97 32.42
N ASN A 74 -29.97 3.86 33.14
CA ASN A 74 -30.87 3.91 34.29
C ASN A 74 -30.32 4.81 35.41
N ILE A 75 -28.98 5.06 35.42
CA ILE A 75 -28.34 5.93 36.42
C ILE A 75 -28.10 7.35 35.88
N LEU A 76 -27.41 7.50 34.76
CA LEU A 76 -27.16 8.80 34.16
C LEU A 76 -27.63 8.76 32.71
N PRO A 77 -28.91 9.04 32.46
CA PRO A 77 -29.41 8.99 31.08
C PRO A 77 -28.96 10.18 30.22
N ASN A 78 -29.23 10.14 28.91
CA ASN A 78 -28.92 11.22 27.96
C ASN A 78 -27.49 11.76 28.12
N HIS A 79 -26.53 10.86 28.25
CA HIS A 79 -25.12 11.20 28.45
C HIS A 79 -24.46 11.46 27.10
N LEU A 80 -24.25 12.73 26.76
CA LEU A 80 -23.67 13.10 25.47
C LEU A 80 -22.32 12.46 25.17
N LYS A 81 -21.42 12.38 26.16
CA LYS A 81 -20.09 11.80 25.96
C LYS A 81 -20.19 10.33 25.59
N TYR A 82 -21.00 9.59 26.35
CA TYR A 82 -21.16 8.16 26.11
C TYR A 82 -21.97 7.86 24.86
N LEU A 83 -22.93 8.72 24.50
CA LEU A 83 -23.68 8.54 23.26
C LEU A 83 -22.74 8.67 22.03
N ASN A 84 -21.79 9.59 22.11
CA ASN A 84 -20.78 9.85 21.09
C ASN A 84 -19.76 8.68 21.04
N LEU A 85 -19.23 8.24 22.19
CA LEU A 85 -18.29 7.11 22.21
C LEU A 85 -18.92 5.84 21.64
N TYR A 86 -20.20 5.54 21.97
CA TYR A 86 -20.86 4.35 21.40
C TYR A 86 -21.03 4.47 19.90
N GLY A 87 -21.35 5.66 19.43
CA GLY A 87 -21.47 5.91 18.00
C GLY A 87 -20.18 5.69 17.23
N ILE A 88 -19.03 6.10 17.80
CA ILE A 88 -17.73 5.94 17.14
C ILE A 88 -17.25 4.51 17.17
N GLU A 89 -17.37 3.83 18.33
CA GLU A 89 -16.95 2.43 18.40
C GLU A 89 -17.74 1.55 17.44
N TYR A 90 -19.06 1.78 17.36
CA TYR A 90 -19.96 1.06 16.43
C TYR A 90 -19.56 1.35 15.00
N THR A 91 -19.28 2.61 14.66
CA THR A 91 -18.83 2.99 13.31
C THR A 91 -17.56 2.22 12.92
N ARG A 92 -16.62 2.13 13.87
CA ARG A 92 -15.35 1.44 13.69
C ARG A 92 -15.47 -0.07 13.54
N VAL A 93 -16.58 -0.65 13.98
CA VAL A 93 -16.84 -2.07 13.83
C VAL A 93 -17.95 -2.32 12.74
N GLU A 94 -18.12 -1.33 11.83
CA GLU A 94 -19.03 -1.31 10.69
C GLU A 94 -20.48 -1.54 11.04
N GLU A 95 -20.90 -1.03 12.18
CA GLU A 95 -22.27 -1.14 12.62
C GLU A 95 -22.84 0.25 12.53
N TYR A 96 -23.18 0.66 11.32
CA TYR A 96 -23.63 2.02 11.00
C TYR A 96 -25.06 2.33 11.44
N ASP A 97 -25.95 1.34 11.47
CA ASP A 97 -27.33 1.60 11.93
C ASP A 97 -27.28 1.80 13.45
N ARG A 98 -26.55 0.91 14.16
CA ARG A 98 -26.38 0.99 15.61
C ARG A 98 -25.74 2.33 15.98
N ALA A 99 -24.71 2.75 15.21
CA ALA A 99 -23.97 3.99 15.41
C ALA A 99 -24.86 5.22 15.26
N PHE A 100 -25.76 5.20 14.27
CA PHE A 100 -26.63 6.34 14.02
C PHE A 100 -27.68 6.51 15.11
N GLU A 101 -28.23 5.40 15.62
CA GLU A 101 -29.17 5.46 16.73
C GLU A 101 -28.50 6.03 18.00
N LYS A 102 -27.14 5.92 18.09
CA LYS A 102 -26.39 6.48 19.20
C LYS A 102 -25.97 7.94 18.98
N LEU A 103 -25.47 8.28 17.79
CA LEU A 103 -25.03 9.62 17.42
C LEU A 103 -26.18 10.59 17.12
N PHE A 104 -27.28 10.07 16.58
CA PHE A 104 -28.44 10.88 16.24
C PHE A 104 -29.70 10.43 16.98
N GLY A 105 -30.12 9.18 16.77
CA GLY A 105 -31.34 8.64 17.34
C GLY A 105 -32.16 7.87 16.33
N LYS A 106 -33.43 7.67 16.63
CA LYS A 106 -34.35 6.95 15.74
C LYS A 106 -35.70 7.68 15.74
N VAL A 107 -36.12 8.18 14.58
CA VAL A 107 -37.40 8.87 14.44
C VAL A 107 -38.28 8.17 13.41
N SER A 108 -39.60 8.20 13.61
CA SER A 108 -40.52 7.52 12.71
C SER A 108 -41.60 8.48 12.21
N PRO A 109 -41.69 8.73 10.90
CA PRO A 109 -40.83 8.18 9.83
C PRO A 109 -39.48 8.84 9.78
N ASP A 110 -38.44 8.07 9.48
CA ASP A 110 -37.09 8.61 9.40
C ASP A 110 -36.95 9.55 8.18
N PHE A 111 -35.89 10.39 8.14
CA PHE A 111 -35.66 11.34 7.05
C PHE A 111 -35.58 10.67 5.70
N GLY A 112 -36.54 11.01 4.85
CA GLY A 112 -36.76 10.49 3.51
C GLY A 112 -37.47 9.14 3.43
N ALA A 113 -37.74 8.52 4.59
CA ALA A 113 -38.33 7.19 4.70
C ALA A 113 -39.84 7.13 4.73
N GLY A 114 -40.47 8.24 5.08
CA GLY A 114 -41.91 8.31 5.16
C GLY A 114 -42.55 8.12 3.80
N GLY A 115 -43.80 7.66 3.83
CA GLY A 115 -44.57 7.42 2.63
C GLY A 115 -44.86 8.73 1.93
N GLU A 116 -44.59 8.74 0.62
CA GLU A 116 -44.75 9.91 -0.25
C GLU A 116 -43.86 11.09 0.16
N GLU A 117 -42.76 10.83 0.87
CA GLU A 117 -41.85 11.85 1.34
C GLU A 117 -40.68 11.96 0.37
N PRO A 118 -40.34 13.19 -0.08
CA PRO A 118 -39.26 13.35 -1.06
C PRO A 118 -37.92 12.79 -0.64
N SER A 119 -37.27 12.12 -1.60
CA SER A 119 -35.94 11.53 -1.44
C SER A 119 -34.86 12.55 -1.10
N SER A 120 -35.09 13.83 -1.40
CA SER A 120 -34.15 14.91 -1.07
C SER A 120 -33.90 15.01 0.44
N ASN A 121 -34.89 14.60 1.27
CA ASN A 121 -34.80 14.65 2.72
C ASN A 121 -33.92 13.55 3.33
N ALA A 122 -33.68 12.46 2.57
CA ALA A 122 -32.91 11.29 3.03
C ALA A 122 -31.50 11.61 3.44
N TRP A 123 -30.93 10.79 4.35
CA TRP A 123 -29.59 10.97 4.90
C TRP A 123 -28.48 10.98 3.86
N ASP A 124 -28.69 10.32 2.72
CA ASP A 124 -27.70 10.28 1.67
C ASP A 124 -27.90 11.35 0.59
N LYS A 125 -28.99 12.15 0.65
CA LYS A 125 -29.22 13.18 -0.36
C LYS A 125 -29.24 14.61 0.22
N ARG A 126 -29.76 14.79 1.42
CA ARG A 126 -29.89 16.12 2.01
C ARG A 126 -28.57 16.89 2.14
N GLU A 127 -28.60 18.23 2.03
CA GLU A 127 -27.38 19.02 2.15
C GLU A 127 -27.29 19.58 3.54
N LYS A 128 -28.36 20.21 3.99
CA LYS A 128 -28.44 20.87 5.28
C LYS A 128 -28.79 19.94 6.43
N VAL A 129 -28.13 20.17 7.55
CA VAL A 129 -28.29 19.56 8.86
C VAL A 129 -29.75 19.82 9.32
N PRO A 130 -30.42 18.83 9.93
CA PRO A 130 -31.81 19.06 10.39
C PRO A 130 -31.91 19.95 11.62
N ILE A 131 -32.62 21.08 11.50
CA ILE A 131 -32.80 21.99 12.60
C ILE A 131 -34.04 21.49 13.32
N ILE A 132 -33.86 20.84 14.47
CA ILE A 132 -34.99 20.22 15.15
C ILE A 132 -35.52 20.98 16.38
N THR A 133 -36.86 20.96 16.51
CA THR A 133 -37.64 21.47 17.64
C THR A 133 -38.68 20.43 18.00
N LEU A 134 -39.13 20.42 19.27
CA LEU A 134 -40.21 19.51 19.67
C LEU A 134 -41.53 20.06 19.10
N ALA A 135 -42.62 19.25 19.17
CA ALA A 135 -43.94 19.67 18.70
C ALA A 135 -44.42 20.92 19.47
N LYS A 136 -45.40 21.65 18.91
CA LYS A 136 -45.92 22.84 19.55
C LYS A 136 -46.55 22.51 20.91
N GLY A 137 -46.04 23.16 21.95
CA GLY A 137 -46.53 22.96 23.31
C GLY A 137 -46.06 21.66 23.95
N GLN A 138 -44.91 21.13 23.51
CA GLN A 138 -44.37 19.90 24.07
C GLN A 138 -43.02 20.14 24.75
N VAL A 139 -42.82 19.50 25.92
CA VAL A 139 -41.59 19.60 26.71
C VAL A 139 -40.88 18.24 26.80
N TRP A 140 -39.59 18.24 27.15
CA TRP A 140 -38.85 16.99 27.27
C TRP A 140 -39.22 16.22 28.54
N ASP A 141 -39.54 14.93 28.36
CA ASP A 141 -39.89 13.99 29.41
C ASP A 141 -39.23 12.67 29.03
N ASN A 142 -38.38 12.15 29.94
CA ASN A 142 -37.67 10.90 29.73
C ASN A 142 -38.62 9.69 29.67
N SER A 143 -39.78 9.78 30.30
CA SER A 143 -40.76 8.70 30.26
C SER A 143 -41.43 8.53 28.87
N LYS A 144 -41.29 9.53 27.98
CA LYS A 144 -41.82 9.45 26.61
C LYS A 144 -40.88 8.74 25.63
N LEU A 145 -39.85 8.05 26.13
CA LEU A 145 -38.92 7.33 25.25
C LEU A 145 -39.27 5.86 25.37
N PRO A 146 -39.64 5.20 24.25
CA PRO A 146 -39.99 3.78 24.32
C PRO A 146 -38.83 2.89 24.76
N ILE A 147 -38.50 2.87 26.05
CA ILE A 147 -37.43 2.00 26.57
C ILE A 147 -38.10 0.76 27.15
N ALA A 148 -37.45 -0.43 27.09
CA ALA A 148 -38.07 -1.67 27.61
C ALA A 148 -38.63 -1.55 29.04
N GLY A 149 -37.86 -0.94 29.95
CA GLY A 149 -38.29 -0.73 31.32
C GLY A 149 -39.17 0.49 31.49
N LYS A 150 -39.10 1.43 30.52
CA LYS A 150 -39.91 2.65 30.55
C LYS A 150 -41.37 2.31 30.58
N VAL A 151 -41.87 1.45 29.65
CA VAL A 151 -43.31 1.09 29.62
C VAL A 151 -44.16 2.39 29.68
N GLY A 152 -43.68 3.43 29.00
CA GLY A 152 -44.34 4.73 29.03
C GLY A 152 -45.68 4.72 28.34
N SER A 153 -46.34 5.89 28.32
CA SER A 153 -47.68 6.01 27.71
C SER A 153 -47.70 5.91 26.16
N GLU A 154 -48.89 5.68 25.55
CA GLU A 154 -49.08 5.62 24.10
C GLU A 154 -48.69 6.95 23.41
N ASN A 155 -48.81 8.06 24.11
CA ASN A 155 -48.45 9.40 23.64
C ASN A 155 -47.00 9.67 24.09
N ARG A 156 -46.05 9.64 23.14
CA ARG A 156 -44.64 9.84 23.47
C ARG A 156 -44.17 11.28 23.04
N MET A 157 -43.03 11.45 22.33
CA MET A 157 -42.57 12.78 21.88
C MET A 157 -42.54 12.89 20.35
N THR A 158 -42.61 14.10 19.82
CA THR A 158 -42.63 14.34 18.38
C THR A 158 -41.67 15.47 18.00
N LEU A 159 -40.67 15.19 17.13
CA LEU A 159 -39.78 16.26 16.66
C LEU A 159 -40.17 16.72 15.26
N ILE A 160 -39.86 17.98 14.96
CA ILE A 160 -40.16 18.61 13.69
C ILE A 160 -38.90 19.31 13.21
N ALA A 161 -38.49 19.07 11.98
CA ALA A 161 -37.32 19.73 11.40
C ALA A 161 -37.81 20.84 10.43
N GLN A 162 -36.91 21.62 9.78
CA GLN A 162 -37.29 22.71 8.87
C GLN A 162 -38.25 22.27 7.74
N ASP A 163 -38.39 20.95 7.51
CA ASP A 163 -39.31 20.38 6.52
C ASP A 163 -40.78 20.36 6.97
N GLY A 164 -41.06 20.65 8.23
CA GLY A 164 -42.42 20.66 8.76
C GLY A 164 -43.03 19.30 9.05
N ILE A 165 -42.27 18.22 8.82
CA ILE A 165 -42.77 16.88 9.05
C ILE A 165 -42.64 16.43 10.51
N GLN A 166 -43.73 15.98 11.10
CA GLN A 166 -43.77 15.48 12.46
C GLN A 166 -43.27 14.03 12.50
N ARG A 167 -42.27 13.75 13.34
CA ARG A 167 -41.67 12.41 13.44
C ARG A 167 -41.68 11.97 14.91
N LYS A 168 -42.08 10.72 15.22
CA LYS A 168 -42.07 10.23 16.59
C LYS A 168 -40.66 9.86 17.01
N ILE A 169 -40.24 10.30 18.18
CA ILE A 169 -38.90 9.98 18.67
C ILE A 169 -38.90 8.60 19.34
N LEU A 170 -38.25 7.61 18.71
CA LEU A 170 -38.13 6.28 19.30
C LEU A 170 -36.88 6.18 20.17
N LYS A 171 -35.76 6.71 19.67
CA LYS A 171 -34.52 6.64 20.44
C LYS A 171 -33.90 8.01 20.58
N ALA A 172 -33.45 8.35 21.79
CA ALA A 172 -32.79 9.64 22.01
C ALA A 172 -31.25 9.54 21.86
N GLY A 173 -30.75 9.76 20.66
CA GLY A 173 -29.30 9.76 20.40
C GLY A 173 -28.67 11.10 20.73
N ALA A 174 -27.33 11.22 20.59
CA ALA A 174 -26.62 12.45 20.93
C ALA A 174 -27.22 13.73 20.31
N TYR A 175 -27.41 13.78 18.99
CA TYR A 175 -27.96 14.95 18.31
C TYR A 175 -29.33 15.36 18.87
N ILE A 176 -30.19 14.37 19.15
CA ILE A 176 -31.51 14.62 19.70
C ILE A 176 -31.43 15.13 21.13
N VAL A 177 -30.54 14.53 21.94
CA VAL A 177 -30.34 14.89 23.33
C VAL A 177 -29.83 16.32 23.45
N MET A 178 -28.87 16.69 22.61
CA MET A 178 -28.31 18.03 22.67
C MET A 178 -29.30 19.10 22.27
N ARG A 179 -30.10 18.90 21.20
CA ARG A 179 -31.04 19.94 20.75
C ARG A 179 -32.33 19.99 21.55
N LEU A 180 -32.88 18.83 21.91
CA LEU A 180 -34.19 18.80 22.58
C LEU A 180 -34.16 18.56 24.08
N GLU A 181 -33.18 17.82 24.63
CA GLU A 181 -33.16 17.61 26.10
C GLU A 181 -32.36 18.69 26.80
N LYS A 182 -31.12 18.89 26.35
CA LYS A 182 -30.21 19.87 26.93
C LYS A 182 -30.31 21.26 26.33
N GLN A 183 -31.01 21.41 25.15
CA GLN A 183 -31.21 22.70 24.46
C GLN A 183 -29.87 23.44 24.25
N THR A 184 -28.82 22.68 23.98
CA THR A 184 -27.47 23.17 23.82
C THR A 184 -26.90 22.75 22.45
N HIS A 185 -25.73 23.32 22.08
CA HIS A 185 -25.08 22.95 20.83
C HIS A 185 -23.76 22.28 21.18
N ASP A 186 -23.70 20.94 21.12
CA ASP A 186 -22.50 20.17 21.47
C ASP A 186 -21.63 19.91 20.24
N ASN A 187 -20.47 20.57 20.20
CA ASN A 187 -19.51 20.48 19.12
C ASN A 187 -18.93 19.05 18.92
N PRO A 188 -18.56 18.27 19.98
CA PRO A 188 -18.08 16.90 19.72
C PRO A 188 -19.11 16.08 18.96
N THR A 189 -20.44 16.32 19.22
CA THR A 189 -21.56 15.68 18.55
C THR A 189 -21.59 16.08 17.08
N TYR A 190 -21.52 17.37 16.76
CA TYR A 190 -21.50 17.87 15.37
C TYR A 190 -20.31 17.26 14.61
N LYS A 191 -19.13 17.22 15.23
CA LYS A 191 -17.91 16.72 14.62
C LYS A 191 -17.95 15.22 14.39
N ASN A 192 -18.48 14.47 15.37
CA ASN A 192 -18.65 13.03 15.18
C ASN A 192 -19.66 12.71 14.09
N LEU A 193 -20.66 13.57 13.91
CA LEU A 193 -21.62 13.40 12.83
C LEU A 193 -20.95 13.71 11.50
N GLY A 194 -20.10 14.74 11.46
CA GLY A 194 -19.32 15.07 10.28
C GLY A 194 -18.38 13.93 9.90
N ARG A 195 -17.76 13.27 10.88
CA ARG A 195 -16.87 12.13 10.62
C ARG A 195 -17.68 10.93 10.14
N PHE A 196 -18.87 10.71 10.73
CA PHE A 196 -19.74 9.60 10.36
C PHE A 196 -20.15 9.69 8.90
N HIS A 197 -20.93 10.71 8.52
CA HIS A 197 -21.44 10.91 7.17
C HIS A 197 -20.34 10.98 6.10
N SER A 198 -19.09 11.27 6.50
CA SER A 198 -17.99 11.33 5.52
C SER A 198 -17.09 10.11 5.51
N SER A 199 -17.46 9.02 6.22
CA SER A 199 -16.65 7.81 6.26
C SER A 199 -16.37 7.25 4.87
N ILE A 200 -15.20 6.63 4.67
CA ILE A 200 -14.84 6.10 3.35
C ILE A 200 -14.86 4.56 3.27
N MET A 201 -15.25 3.85 4.35
CA MET A 201 -15.27 2.38 4.34
C MET A 201 -16.14 1.86 3.23
N PRO A 202 -15.67 0.85 2.47
CA PRO A 202 -16.49 0.29 1.41
C PRO A 202 -17.83 -0.26 1.91
N SER A 203 -17.88 -0.88 3.10
CA SER A 203 -19.17 -1.37 3.63
C SER A 203 -20.15 -0.21 3.92
N PHE A 204 -19.60 1.01 4.16
CA PHE A 204 -20.32 2.25 4.41
C PHE A 204 -20.83 2.89 3.11
N THR A 205 -20.06 2.79 2.02
CA THR A 205 -20.44 3.45 0.76
C THR A 205 -21.03 2.57 -0.33
N GLU A 206 -20.52 1.34 -0.51
CA GLU A 206 -20.93 0.46 -1.60
C GLU A 206 -22.29 -0.12 -1.40
N SER A 207 -23.19 0.14 -2.36
CA SER A 207 -24.53 -0.41 -2.28
C SER A 207 -24.51 -1.94 -2.33
N SER A 208 -23.50 -2.54 -3.01
CA SER A 208 -23.31 -4.00 -3.12
C SER A 208 -23.03 -4.68 -1.76
N LEU A 209 -22.70 -3.88 -0.72
CA LEU A 209 -22.45 -4.34 0.66
C LEU A 209 -23.55 -3.90 1.66
N GLY A 210 -24.59 -3.24 1.16
CA GLY A 210 -25.67 -2.70 1.98
C GLY A 210 -25.44 -1.29 2.45
N GLY A 211 -24.44 -0.60 1.88
CA GLY A 211 -24.11 0.77 2.28
C GLY A 211 -24.68 1.83 1.37
N GLY A 212 -24.34 3.07 1.64
CA GLY A 212 -24.81 4.21 0.86
C GLY A 212 -25.88 5.03 1.55
N LYS A 213 -26.53 4.44 2.58
CA LYS A 213 -27.61 5.04 3.33
C LYS A 213 -27.24 6.35 4.04
N TYR A 214 -26.09 6.37 4.69
CA TYR A 214 -25.64 7.54 5.44
C TYR A 214 -24.48 8.31 4.78
N LYS A 215 -23.95 7.79 3.65
CA LYS A 215 -22.86 8.47 2.95
C LYS A 215 -23.37 9.76 2.32
N ASN A 216 -22.75 10.88 2.73
CA ASN A 216 -23.10 12.22 2.30
C ASN A 216 -22.00 13.17 2.71
N ASP A 217 -21.08 13.50 1.78
CA ASP A 217 -20.00 14.43 2.09
C ASP A 217 -20.46 15.86 2.27
N GLN A 218 -21.47 16.29 1.50
CA GLN A 218 -22.01 17.64 1.63
C GLN A 218 -22.62 17.83 3.01
N LEU A 219 -23.39 16.86 3.47
CA LEU A 219 -24.02 16.92 4.79
C LEU A 219 -22.94 16.82 5.89
N ALA A 220 -21.88 16.05 5.66
CA ALA A 220 -20.75 15.95 6.60
C ALA A 220 -20.10 17.33 6.78
N ILE A 221 -19.81 18.06 5.66
CA ILE A 221 -19.22 19.40 5.72
C ILE A 221 -20.13 20.37 6.49
N ASN A 222 -21.43 20.22 6.34
CA ASN A 222 -22.40 21.06 6.99
C ASN A 222 -22.54 20.75 8.51
N PHE A 223 -22.20 19.53 8.97
CA PHE A 223 -22.18 19.23 10.40
C PHE A 223 -20.92 19.87 11.02
N TYR A 224 -19.79 19.88 10.27
CA TYR A 224 -18.58 20.52 10.74
C TYR A 224 -18.77 22.04 10.78
N LYS A 225 -19.50 22.61 9.81
CA LYS A 225 -19.72 24.05 9.76
C LYS A 225 -20.63 24.59 10.87
N GLN A 226 -21.39 23.71 11.51
CA GLN A 226 -22.28 24.06 12.64
C GLN A 226 -21.48 24.42 13.90
N VAL A 227 -20.22 23.96 14.01
CA VAL A 227 -19.37 24.25 15.14
C VAL A 227 -18.96 25.73 15.12
N TYR A 228 -18.63 26.23 13.93
CA TYR A 228 -18.19 27.61 13.67
C TYR A 228 -19.26 28.62 14.01
N THR A 229 -20.53 28.27 13.77
CA THR A 229 -21.61 29.23 13.96
C THR A 229 -22.51 28.86 15.16
N ASP A 230 -23.45 27.89 15.05
CA ASP A 230 -24.34 27.56 16.17
C ASP A 230 -23.60 27.01 17.40
N GLY A 231 -22.41 26.47 17.20
CA GLY A 231 -21.58 25.96 18.29
C GLY A 231 -20.63 26.99 18.89
N ASN A 232 -20.65 28.22 18.34
CA ASN A 232 -19.89 29.37 18.82
C ASN A 232 -18.40 29.10 18.93
N GLU A 233 -17.82 28.49 17.90
CA GLU A 233 -16.38 28.20 17.87
C GLU A 233 -15.81 28.38 16.45
N PRO A 234 -15.74 29.64 15.98
CA PRO A 234 -15.32 29.91 14.60
C PRO A 234 -13.99 29.36 14.09
N TYR A 235 -13.01 29.10 14.98
CA TYR A 235 -11.72 28.62 14.50
C TYR A 235 -11.38 27.24 15.01
N ASP A 236 -12.39 26.38 15.20
CA ASP A 236 -12.17 25.02 15.68
C ASP A 236 -11.39 24.24 14.64
N GLU A 237 -10.15 23.90 15.00
CA GLU A 237 -9.27 23.22 14.08
C GLU A 237 -9.77 21.84 13.72
N GLU A 238 -10.39 21.11 14.66
CA GLU A 238 -10.94 19.78 14.34
C GLU A 238 -12.01 19.85 13.25
N SER A 239 -12.75 20.96 13.17
CA SER A 239 -13.78 21.12 12.15
C SER A 239 -13.16 21.45 10.81
N THR A 240 -12.10 22.28 10.80
CA THR A 240 -11.38 22.66 9.59
C THR A 240 -10.64 21.43 9.03
N ALA A 241 -9.98 20.68 9.91
CA ALA A 241 -9.27 19.45 9.53
C ALA A 241 -10.23 18.37 9.02
N GLY A 242 -11.47 18.37 9.53
CA GLY A 242 -12.50 17.42 9.09
C GLY A 242 -12.93 17.66 7.67
N ILE A 243 -13.14 18.94 7.31
CA ILE A 243 -13.51 19.37 5.95
C ILE A 243 -12.35 19.10 5.02
N ALA A 244 -11.11 19.44 5.46
CA ALA A 244 -9.89 19.19 4.70
C ALA A 244 -9.74 17.70 4.37
N LYS A 245 -9.99 16.81 5.35
CA LYS A 245 -9.88 15.37 5.16
C LYS A 245 -10.92 14.85 4.14
N ILE A 246 -12.07 15.51 4.05
CA ILE A 246 -13.09 15.17 3.06
C ILE A 246 -12.55 15.41 1.65
N TYR A 247 -11.87 16.55 1.43
CA TYR A 247 -11.29 16.86 0.11
C TYR A 247 -10.07 15.99 -0.19
N TYR A 248 -9.31 15.63 0.86
CA TYR A 248 -8.14 14.77 0.79
C TYR A 248 -8.60 13.39 0.30
N ASN A 249 -9.68 12.86 0.89
CA ASN A 249 -10.22 11.56 0.49
C ASN A 249 -10.79 11.56 -0.94
N ARG A 250 -11.22 12.73 -1.44
CA ARG A 250 -11.68 12.87 -2.82
C ARG A 250 -10.48 13.11 -3.79
N ARG A 251 -9.25 13.02 -3.29
CA ARG A 251 -7.98 13.26 -3.96
C ARG A 251 -7.81 14.70 -4.46
N GLU A 252 -8.62 15.65 -3.96
CA GLU A 252 -8.47 17.06 -4.31
C GLU A 252 -7.51 17.63 -3.27
N PHE A 253 -6.21 17.33 -3.41
CA PHE A 253 -5.17 17.76 -2.48
C PHE A 253 -4.95 19.27 -2.43
N GLY A 254 -5.35 19.97 -3.49
CA GLY A 254 -5.27 21.42 -3.55
C GLY A 254 -6.23 22.08 -2.59
N LYS A 255 -7.48 21.60 -2.56
CA LYS A 255 -8.52 22.11 -1.66
C LYS A 255 -8.21 21.69 -0.21
N ALA A 256 -7.74 20.44 -0.03
CA ALA A 256 -7.33 19.90 1.28
C ALA A 256 -6.22 20.76 1.86
N ALA A 257 -5.26 21.19 1.02
CA ALA A 257 -4.18 22.07 1.44
C ALA A 257 -4.70 23.41 1.95
N SER A 258 -5.71 24.00 1.29
CA SER A 258 -6.27 25.30 1.70
C SER A 258 -6.85 25.26 3.12
N PHE A 259 -7.52 24.17 3.47
CA PHE A 259 -8.13 24.04 4.78
C PHE A 259 -7.09 23.74 5.86
N TYR A 260 -6.06 22.93 5.55
CA TYR A 260 -4.98 22.69 6.50
C TYR A 260 -4.19 24.01 6.70
N ASN A 261 -3.95 24.74 5.61
CA ASN A 261 -3.28 26.02 5.68
C ASN A 261 -4.11 27.06 6.42
N LYS A 262 -5.46 26.95 6.42
CA LYS A 262 -6.32 27.86 7.18
C LYS A 262 -6.12 27.67 8.70
N ILE A 263 -5.83 26.42 9.13
CA ILE A 263 -5.54 26.09 10.52
C ILE A 263 -4.22 26.75 10.94
N VAL A 264 -3.19 26.66 10.07
CA VAL A 264 -1.85 27.17 10.38
C VAL A 264 -1.74 28.69 10.17
N GLU A 265 -2.64 29.30 9.35
CA GLU A 265 -2.69 30.76 9.22
C GLU A 265 -3.06 31.38 10.62
N ILE A 266 -3.87 30.64 11.41
CA ILE A 266 -4.27 31.08 12.74
C ILE A 266 -3.23 30.67 13.80
N ASP A 267 -2.88 29.38 13.88
CA ASP A 267 -1.88 28.90 14.84
C ASP A 267 -0.86 28.08 14.08
N PRO A 268 0.37 28.58 13.95
CA PRO A 268 1.40 27.83 13.20
C PRO A 268 1.95 26.61 13.92
N SER A 269 1.85 26.55 15.24
CA SER A 269 2.39 25.42 16.01
C SER A 269 1.47 24.18 16.05
N SER A 270 0.31 24.23 15.37
CA SER A 270 -0.69 23.17 15.31
C SER A 270 -0.19 21.90 14.65
N PRO A 271 -0.04 20.81 15.42
CA PRO A 271 0.37 19.54 14.80
C PRO A 271 -0.72 18.96 13.89
N MET A 272 -1.99 19.35 14.09
CA MET A 272 -3.08 18.90 13.24
C MET A 272 -3.00 19.60 11.89
N GLY A 273 -2.74 20.91 11.89
CA GLY A 273 -2.62 21.70 10.68
C GLY A 273 -1.36 21.40 9.90
N GLN A 274 -0.21 21.46 10.60
CA GLN A 274 1.07 21.16 9.96
C GLN A 274 1.16 19.69 9.55
N GLY A 275 0.62 18.81 10.37
CA GLY A 275 0.60 17.38 10.08
C GLY A 275 -0.24 17.08 8.86
N GLY A 276 -1.40 17.75 8.77
CA GLY A 276 -2.32 17.62 7.65
C GLY A 276 -1.68 18.07 6.35
N LEU A 277 -0.90 19.16 6.42
CA LEU A 277 -0.15 19.71 5.30
C LEU A 277 0.94 18.75 4.86
N LEU A 278 1.67 18.15 5.80
CA LEU A 278 2.72 17.20 5.48
C LEU A 278 2.15 15.97 4.81
N SER A 279 1.00 15.48 5.31
CA SER A 279 0.28 14.31 4.75
C SER A 279 -0.18 14.59 3.31
N THR A 280 -0.65 15.82 3.06
CA THR A 280 -1.13 16.21 1.73
C THR A 280 0.03 16.36 0.78
N TYR A 281 1.16 16.97 1.22
CA TYR A 281 2.31 17.12 0.32
C TYR A 281 2.88 15.77 -0.08
N ILE A 282 2.82 14.75 0.80
CA ILE A 282 3.30 13.41 0.51
C ILE A 282 2.47 12.76 -0.61
N GLU A 283 1.16 13.00 -0.60
CA GLU A 283 0.27 12.48 -1.64
C GLU A 283 0.48 13.14 -2.99
N MET A 284 0.83 14.41 -2.99
CA MET A 284 1.15 15.12 -4.21
C MET A 284 2.49 14.61 -4.72
N TRP A 285 3.46 14.37 -3.81
CA TRP A 285 4.79 13.84 -4.14
C TRP A 285 4.69 12.48 -4.82
N LYS A 286 3.79 11.60 -4.35
CA LYS A 286 3.60 10.29 -4.97
C LYS A 286 3.11 10.44 -6.43
N GLU A 287 2.28 11.46 -6.67
CA GLU A 287 1.72 11.75 -7.98
C GLU A 287 2.70 12.38 -8.97
N ASP A 288 3.60 13.31 -8.52
CA ASP A 288 4.47 14.02 -9.46
C ASP A 288 5.99 13.76 -9.32
N GLY A 289 6.40 13.04 -8.28
CA GLY A 289 7.80 12.73 -8.06
C GLY A 289 8.63 13.83 -7.44
N ASN A 290 8.04 15.00 -7.17
CA ASN A 290 8.71 16.17 -6.57
C ASN A 290 8.73 16.16 -5.05
N PRO A 291 9.91 16.06 -4.42
CA PRO A 291 9.98 16.08 -2.96
C PRO A 291 10.27 17.44 -2.31
N GLN A 292 10.41 18.53 -3.09
CA GLN A 292 10.72 19.86 -2.54
C GLN A 292 9.82 20.29 -1.39
N PHE A 293 8.50 20.12 -1.56
CA PHE A 293 7.53 20.58 -0.58
C PHE A 293 7.51 19.73 0.67
N VAL A 294 7.64 18.41 0.56
CA VAL A 294 7.69 17.56 1.74
C VAL A 294 8.96 17.86 2.55
N ILE A 295 10.14 17.81 1.91
CA ILE A 295 11.41 18.06 2.59
C ILE A 295 11.46 19.45 3.23
N ASN A 296 11.22 20.50 2.44
CA ASN A 296 11.27 21.87 2.95
C ASN A 296 10.26 22.15 4.05
N HIS A 297 9.11 21.51 4.00
CA HIS A 297 8.09 21.70 5.02
C HIS A 297 8.42 20.93 6.29
N HIS A 298 8.98 19.72 6.15
CA HIS A 298 9.38 18.93 7.31
C HIS A 298 10.47 19.66 8.06
N ARG A 299 11.46 20.26 7.34
CA ARG A 299 12.53 21.00 7.98
C ARG A 299 12.02 22.25 8.71
N GLN A 300 11.01 22.92 8.14
CA GLN A 300 10.39 24.06 8.77
C GLN A 300 9.68 23.62 10.06
N ILE A 301 8.94 22.49 9.99
CA ILE A 301 8.21 21.88 11.10
C ILE A 301 9.17 21.44 12.22
N LYS A 302 10.32 20.88 11.87
CA LYS A 302 11.28 20.38 12.84
C LYS A 302 12.20 21.43 13.46
N ASN A 303 12.93 22.18 12.62
CA ASN A 303 13.94 23.13 13.09
C ASN A 303 13.41 24.47 13.57
N ASN A 304 12.28 24.96 13.04
CA ASN A 304 11.77 26.28 13.42
C ASN A 304 10.46 26.25 14.22
N LEU A 305 9.70 25.16 14.11
CA LEU A 305 8.43 25.05 14.82
C LEU A 305 8.57 24.16 16.07
N GLU A 306 9.47 23.16 16.02
CA GLU A 306 9.77 22.19 17.06
C GLU A 306 8.55 21.31 17.43
N ILE A 307 7.76 20.97 16.41
CA ILE A 307 6.58 20.15 16.61
C ILE A 307 6.68 18.79 15.94
N GLU A 308 7.89 18.32 15.59
CA GLU A 308 8.05 17.01 14.95
C GLU A 308 7.58 15.90 15.89
N LYS A 309 7.95 16.01 17.16
CA LYS A 309 7.55 15.05 18.18
C LYS A 309 6.03 15.07 18.39
N LYS A 310 5.41 16.26 18.28
CA LYS A 310 3.98 16.47 18.43
C LYS A 310 3.12 15.89 17.28
N LEU A 311 3.72 15.57 16.11
CA LEU A 311 3.00 15.00 14.97
C LEU A 311 2.44 13.62 15.31
N SER A 312 1.31 13.22 14.72
CA SER A 312 0.70 11.93 15.04
C SER A 312 1.53 10.71 14.63
N LEU A 313 1.24 9.54 15.23
CA LEU A 313 1.91 8.29 14.87
C LEU A 313 1.66 7.98 13.37
N HIS A 314 0.46 8.32 12.85
CA HIS A 314 0.16 8.12 11.43
C HIS A 314 0.97 9.09 10.56
N VAL A 315 1.02 10.39 10.88
CA VAL A 315 1.78 11.34 10.08
C VAL A 315 3.26 11.00 10.12
N LEU A 316 3.76 10.68 11.31
CA LEU A 316 5.15 10.28 11.48
C LEU A 316 5.50 9.05 10.65
N SER A 317 4.56 8.10 10.51
CA SER A 317 4.83 6.89 9.75
C SER A 317 4.86 7.17 8.26
N LYS A 318 4.03 8.11 7.78
CA LYS A 318 4.01 8.50 6.37
C LYS A 318 5.35 9.15 5.99
N LEU A 319 5.90 9.97 6.91
CA LEU A 319 7.17 10.66 6.76
C LEU A 319 8.31 9.65 6.74
N ALA A 320 8.25 8.59 7.56
CA ALA A 320 9.26 7.54 7.55
C ALA A 320 9.24 6.82 6.18
N SER A 321 8.03 6.53 5.66
CA SER A 321 7.84 5.88 4.37
C SER A 321 8.41 6.75 3.27
N PHE A 322 8.18 8.07 3.36
CA PHE A 322 8.68 9.05 2.40
C PHE A 322 10.21 8.98 2.31
N TYR A 323 10.88 8.97 3.45
CA TYR A 323 12.32 8.95 3.51
C TYR A 323 12.93 7.64 3.05
N THR A 324 12.22 6.52 3.23
CA THR A 324 12.67 5.21 2.79
C THR A 324 12.57 5.09 1.25
N ASN A 325 11.50 5.65 0.68
CA ASN A 325 11.27 5.59 -0.77
C ASN A 325 11.94 6.69 -1.59
N LEU A 326 12.36 7.77 -0.95
CA LEU A 326 12.92 8.91 -1.63
C LEU A 326 14.18 8.59 -2.41
N ASN A 327 14.33 9.24 -3.58
CA ASN A 327 15.57 9.15 -4.32
C ASN A 327 16.42 10.21 -3.65
N LYS A 328 17.51 9.80 -2.99
CA LYS A 328 18.37 10.75 -2.28
C LYS A 328 19.46 11.35 -3.18
N LYS A 329 19.93 10.58 -4.17
CA LYS A 329 20.97 11.03 -5.09
C LYS A 329 20.52 12.06 -6.14
N GLU A 330 19.21 12.29 -6.27
CA GLU A 330 18.66 13.24 -7.24
C GLU A 330 18.57 14.66 -6.67
N LEU A 331 18.20 14.75 -5.39
CA LEU A 331 17.92 15.97 -4.62
C LEU A 331 18.69 17.23 -5.02
N ARG A 332 20.04 17.21 -5.01
CA ARG A 332 20.84 18.42 -5.30
C ARG A 332 20.77 18.90 -6.74
N ILE A 333 20.87 17.99 -7.71
CA ILE A 333 20.88 18.39 -9.11
C ILE A 333 19.46 18.57 -9.66
N ARG A 334 18.62 17.54 -9.53
CA ARG A 334 17.28 17.52 -10.07
C ARG A 334 16.30 18.47 -9.37
N TYR A 335 16.29 18.50 -8.03
CA TYR A 335 15.33 19.36 -7.32
C TYR A 335 15.95 20.52 -6.55
N ASN A 336 17.29 20.68 -6.61
CA ASN A 336 18.03 21.74 -5.89
C ASN A 336 17.65 21.79 -4.41
N ILE A 337 17.78 20.65 -3.75
CA ILE A 337 17.49 20.52 -2.32
C ILE A 337 18.77 19.96 -1.70
N ASN A 338 19.29 20.61 -0.66
CA ASN A 338 20.50 20.14 0.00
C ASN A 338 20.20 18.80 0.69
N PRO A 339 20.95 17.73 0.37
CA PRO A 339 20.65 16.42 0.99
C PRO A 339 20.94 16.33 2.49
N ILE A 340 21.61 17.35 3.05
CA ILE A 340 21.96 17.44 4.47
C ILE A 340 21.30 18.71 5.04
N ASP A 341 20.72 18.63 6.25
CA ASP A 341 20.08 19.79 6.87
C ASP A 341 21.08 20.86 7.33
N GLN A 342 20.59 22.10 7.51
CA GLN A 342 21.42 23.23 7.93
C GLN A 342 21.33 23.44 9.43
N VAL A 343 20.12 23.36 9.98
CA VAL A 343 19.92 23.54 11.41
C VAL A 343 20.14 22.21 12.15
N SER A 344 19.71 21.09 11.57
CA SER A 344 19.84 19.79 12.23
C SER A 344 21.11 19.02 11.85
N GLY A 345 21.72 19.35 10.72
CA GLY A 345 22.92 18.66 10.22
C GLY A 345 22.71 17.17 10.11
N MET A 346 21.84 16.75 9.19
CA MET A 346 21.46 15.36 9.08
C MET A 346 21.19 14.95 7.63
N GLU A 347 21.85 13.90 7.15
CA GLU A 347 21.62 13.40 5.78
C GLU A 347 20.20 12.80 5.72
N VAL A 348 19.59 12.83 4.54
CA VAL A 348 18.24 12.32 4.35
C VAL A 348 18.08 10.82 4.68
N ASN A 349 19.18 10.06 4.68
CA ASN A 349 19.11 8.62 5.06
C ASN A 349 19.01 8.44 6.60
N ASP A 350 19.45 9.44 7.35
CA ASP A 350 19.34 9.42 8.80
C ASP A 350 17.93 9.82 9.29
N ASN A 351 17.18 10.61 8.48
CA ASN A 351 15.86 11.06 8.85
C ASN A 351 14.92 9.91 9.09
N ALA A 352 14.87 8.91 8.19
CA ALA A 352 14.00 7.76 8.36
C ALA A 352 14.18 7.04 9.71
N LEU A 353 15.40 6.66 10.09
CA LEU A 353 15.64 5.98 11.36
C LEU A 353 15.18 6.80 12.57
N GLU A 354 15.53 8.09 12.58
CA GLU A 354 15.15 9.01 13.67
C GLU A 354 13.62 9.07 13.83
N ILE A 355 12.90 9.19 12.71
CA ILE A 355 11.46 9.24 12.69
C ILE A 355 10.87 7.92 13.20
N LEU A 356 11.37 6.78 12.69
CA LEU A 356 10.90 5.45 13.09
C LEU A 356 11.11 5.20 14.57
N ASP A 357 12.22 5.73 15.12
CA ASP A 357 12.58 5.61 16.52
C ASP A 357 11.63 6.44 17.39
N LEU A 358 11.29 7.64 16.91
CA LEU A 358 10.37 8.56 17.55
C LEU A 358 9.00 7.87 17.71
N ILE A 359 8.57 7.15 16.65
CA ILE A 359 7.32 6.38 16.62
C ILE A 359 7.34 5.33 17.74
N TYR A 360 8.39 4.50 17.81
CA TYR A 360 8.46 3.47 18.84
C TYR A 360 8.26 4.01 20.28
N HIS A 361 8.93 5.11 20.67
CA HIS A 361 8.82 5.63 22.03
C HIS A 361 7.61 6.55 22.30
N LYS A 362 6.85 6.88 21.27
CA LYS A 362 5.71 7.77 21.39
C LYS A 362 4.45 7.07 21.89
N THR A 363 3.69 7.77 22.70
CA THR A 363 2.40 7.35 23.20
C THR A 363 1.39 8.39 22.69
N GLU A 364 0.20 7.94 22.29
CA GLU A 364 -0.76 8.84 21.70
C GLU A 364 -2.18 8.62 22.17
N LYS A 365 -2.84 9.67 22.66
CA LYS A 365 -4.25 9.57 23.01
C LYS A 365 -5.07 9.70 21.70
N ASP A 366 -6.11 8.90 21.52
CA ASP A 366 -6.98 9.00 20.33
C ASP A 366 -7.74 10.33 20.48
N PRO A 367 -7.67 11.20 19.45
CA PRO A 367 -8.36 12.50 19.57
C PRO A 367 -9.89 12.36 19.70
N ILE A 368 -10.45 11.27 19.13
CA ILE A 368 -11.88 10.96 19.10
C ILE A 368 -12.37 10.18 20.34
N THR A 369 -11.77 9.01 20.64
CA THR A 369 -12.21 8.19 21.77
C THR A 369 -11.44 8.45 23.07
N GLY A 370 -10.23 8.96 22.97
CA GLY A 370 -9.40 9.19 24.14
C GLY A 370 -8.52 8.01 24.53
N THR A 371 -8.73 6.81 23.90
CA THR A 371 -7.95 5.61 24.19
C THR A 371 -6.54 5.74 23.61
N GLU A 372 -5.51 5.41 24.41
CA GLU A 372 -4.15 5.61 23.97
C GLU A 372 -3.48 4.43 23.26
N ILE A 373 -2.57 4.76 22.35
CA ILE A 373 -1.80 3.81 21.56
C ILE A 373 -0.32 3.98 21.88
N GLU A 374 0.33 2.90 22.32
CA GLU A 374 1.75 2.87 22.61
C GLU A 374 2.43 2.53 21.31
N GLY A 375 3.43 3.31 20.91
CA GLY A 375 4.20 3.09 19.70
C GLY A 375 4.86 1.73 19.62
N SER A 376 5.15 1.12 20.77
CA SER A 376 5.72 -0.21 20.83
C SER A 376 4.72 -1.31 20.39
N ASN A 377 3.42 -0.98 20.29
CA ASN A 377 2.35 -1.87 19.81
C ASN A 377 1.75 -1.36 18.48
N TYR A 378 2.33 -0.32 17.85
CA TYR A 378 1.83 0.26 16.61
C TYR A 378 2.36 -0.52 15.42
N ALA A 379 1.48 -1.32 14.79
CA ALA A 379 1.80 -2.20 13.66
C ALA A 379 2.37 -1.50 12.42
N GLU A 380 1.78 -0.36 12.04
CA GLU A 380 2.20 0.36 10.85
C GLU A 380 3.63 0.89 10.97
N GLY A 381 3.98 1.33 12.19
CA GLY A 381 5.29 1.82 12.54
C GLY A 381 6.31 0.72 12.39
N TYR A 382 5.96 -0.49 12.85
CA TYR A 382 6.82 -1.66 12.71
C TYR A 382 6.99 -2.05 11.24
N TYR A 383 5.91 -1.98 10.46
CA TYR A 383 5.92 -2.26 9.02
C TYR A 383 6.83 -1.27 8.29
N GLN A 384 6.74 0.02 8.64
CA GLN A 384 7.59 1.03 8.04
C GLN A 384 9.05 0.83 8.43
N ARG A 385 9.28 0.32 9.65
CA ARG A 385 10.60 0.02 10.18
C ARG A 385 11.22 -1.13 9.40
N GLY A 386 10.43 -2.18 9.15
CA GLY A 386 10.86 -3.33 8.36
C GLY A 386 11.21 -2.94 6.94
N ARG A 387 10.49 -1.98 6.39
CA ARG A 387 10.74 -1.48 5.05
C ARG A 387 12.06 -0.71 5.01
N TYR A 388 12.33 0.09 6.05
CA TYR A 388 13.58 0.82 6.14
C TYR A 388 14.76 -0.13 6.24
N PHE A 389 14.68 -1.15 7.13
CA PHE A 389 15.77 -2.10 7.26
C PHE A 389 15.96 -2.92 6.00
N ALA A 390 14.87 -3.21 5.26
CA ALA A 390 14.96 -3.90 3.98
C ALA A 390 15.71 -3.01 2.97
N SER A 391 15.39 -1.70 2.93
CA SER A 391 16.02 -0.71 2.03
C SER A 391 17.54 -0.62 2.24
N ILE A 392 18.01 -0.77 3.50
CA ILE A 392 19.44 -0.73 3.80
C ILE A 392 20.08 -2.13 3.90
N LYS A 393 19.40 -3.18 3.40
CA LYS A 393 19.90 -4.55 3.33
C LYS A 393 20.13 -5.24 4.68
N GLU A 394 19.26 -4.99 5.66
CA GLU A 394 19.35 -5.64 6.96
C GLU A 394 18.17 -6.60 6.98
N SER A 395 18.23 -7.67 6.16
CA SER A 395 17.11 -8.59 5.96
C SER A 395 16.66 -9.37 7.23
N ILE A 396 17.57 -9.75 8.13
CA ILE A 396 17.16 -10.47 9.35
C ILE A 396 16.36 -9.55 10.30
N GLN A 397 16.81 -8.31 10.38
CA GLN A 397 16.21 -7.24 11.17
C GLN A 397 14.85 -6.89 10.55
N ALA A 398 14.80 -6.76 9.21
CA ALA A 398 13.60 -6.44 8.44
C ALA A 398 12.55 -7.51 8.65
N ARG A 399 12.94 -8.80 8.58
CA ARG A 399 12.03 -9.93 8.78
C ARG A 399 11.36 -9.86 10.16
N ARG A 400 12.14 -9.54 11.21
CA ARG A 400 11.66 -9.43 12.57
C ARG A 400 10.58 -8.35 12.72
N PHE A 401 10.77 -7.19 12.08
CA PHE A 401 9.81 -6.10 12.16
C PHE A 401 8.58 -6.38 11.34
N PHE A 402 8.71 -7.02 10.16
CA PHE A 402 7.52 -7.39 9.36
C PHE A 402 6.71 -8.46 10.09
N GLU A 403 7.37 -9.40 10.77
CA GLU A 403 6.68 -10.39 11.58
C GLU A 403 5.92 -9.72 12.71
N LYS A 404 6.48 -8.68 13.32
CA LYS A 404 5.82 -7.97 14.42
C LYS A 404 4.60 -7.21 13.94
N ALA A 405 4.71 -6.55 12.77
CA ALA A 405 3.61 -5.80 12.17
C ALA A 405 2.44 -6.75 11.86
N ALA A 406 2.72 -7.91 11.22
CA ALA A 406 1.72 -8.90 10.86
C ALA A 406 0.99 -9.47 12.07
N THR A 407 1.65 -9.52 13.22
CA THR A 407 1.06 -10.03 14.44
C THR A 407 0.22 -8.96 15.16
N LEU A 408 0.74 -7.74 15.23
CA LEU A 408 0.03 -6.64 15.86
C LEU A 408 -1.24 -6.31 15.08
N ASP A 409 -1.23 -6.47 13.76
CA ASP A 409 -2.38 -6.18 12.90
C ASP A 409 -2.67 -7.36 11.96
N PRO A 410 -3.64 -8.22 12.33
CA PRO A 410 -4.01 -9.33 11.44
C PRO A 410 -4.54 -8.92 10.06
N ALA A 411 -4.72 -7.62 9.82
CA ALA A 411 -5.14 -7.08 8.53
C ALA A 411 -3.97 -6.54 7.69
N HIS A 412 -2.75 -6.47 8.25
CA HIS A 412 -1.61 -5.94 7.51
C HIS A 412 -1.07 -6.96 6.52
N TYR A 413 -1.72 -7.02 5.33
CA TYR A 413 -1.36 -7.93 4.24
C TYR A 413 -0.03 -7.56 3.58
N LEU A 414 0.39 -6.28 3.66
CA LEU A 414 1.65 -5.85 3.08
C LEU A 414 2.83 -6.38 3.86
N ALA A 415 2.71 -6.47 5.19
CA ALA A 415 3.77 -7.06 6.01
C ALA A 415 3.93 -8.56 5.65
N SER A 416 2.80 -9.24 5.38
CA SER A 416 2.78 -10.65 4.99
C SER A 416 3.37 -10.86 3.60
N MET A 417 3.16 -9.90 2.68
CA MET A 417 3.70 -9.94 1.33
C MET A 417 5.20 -9.75 1.38
N GLU A 418 5.67 -8.77 2.19
CA GLU A 418 7.09 -8.55 2.33
C GLU A 418 7.80 -9.75 2.99
N LEU A 419 7.09 -10.45 3.91
CA LEU A 419 7.63 -11.67 4.50
C LEU A 419 7.75 -12.78 3.44
N GLY A 420 6.79 -12.85 2.51
CA GLY A 420 6.83 -13.78 1.39
C GLY A 420 7.99 -13.48 0.46
N GLU A 421 8.24 -12.19 0.19
CA GLU A 421 9.34 -11.73 -0.66
C GLU A 421 10.67 -12.02 -0.03
N ASN A 422 10.77 -11.92 1.30
CA ASN A 422 12.01 -12.24 1.99
C ASN A 422 12.27 -13.74 1.89
N ALA A 423 11.23 -14.56 2.04
CA ALA A 423 11.38 -16.01 1.89
C ALA A 423 11.77 -16.40 0.45
N ILE A 424 11.31 -15.67 -0.59
CA ILE A 424 11.68 -15.92 -1.99
C ILE A 424 13.19 -15.73 -2.15
N ARG A 425 13.73 -14.60 -1.59
CA ARG A 425 15.16 -14.27 -1.63
C ARG A 425 15.97 -15.41 -1.02
N LEU A 426 15.54 -15.92 0.13
CA LEU A 426 16.16 -17.05 0.83
C LEU A 426 15.94 -18.41 0.17
N ALA A 427 15.24 -18.44 -0.97
CA ALA A 427 14.86 -19.62 -1.75
C ALA A 427 13.90 -20.58 -1.02
N ASN A 428 13.09 -20.10 -0.07
CA ASN A 428 12.11 -20.92 0.67
C ASN A 428 10.77 -20.70 -0.01
N PHE A 429 10.58 -21.31 -1.17
CA PHE A 429 9.42 -21.13 -2.01
C PHE A 429 8.13 -21.69 -1.40
N GLY A 430 8.24 -22.77 -0.66
CA GLY A 430 7.09 -23.35 0.05
C GLY A 430 6.62 -22.42 1.15
N GLU A 431 7.55 -21.77 1.85
CA GLU A 431 7.20 -20.81 2.90
C GLU A 431 6.66 -19.51 2.27
N ALA A 432 7.28 -19.07 1.16
CA ALA A 432 6.88 -17.86 0.45
C ALA A 432 5.46 -17.99 -0.08
N ASP A 433 5.11 -19.14 -0.65
CA ASP A 433 3.77 -19.35 -1.18
C ASP A 433 2.73 -19.26 -0.07
N LYS A 434 3.01 -19.87 1.08
CA LYS A 434 2.12 -19.86 2.23
C LYS A 434 1.88 -18.43 2.74
N LEU A 435 2.95 -17.62 2.79
CA LEU A 435 2.89 -16.23 3.22
C LEU A 435 2.15 -15.35 2.23
N LEU A 436 2.30 -15.64 0.95
CA LEU A 436 1.62 -14.89 -0.09
C LEU A 436 0.14 -15.26 -0.12
N ASN A 437 -0.24 -16.51 0.23
CA ASN A 437 -1.67 -16.86 0.30
C ASN A 437 -2.30 -16.16 1.55
N GLU A 438 -1.53 -16.02 2.66
CA GLU A 438 -1.97 -15.28 3.85
C GLU A 438 -2.22 -13.83 3.46
N SER A 439 -1.31 -13.23 2.67
CA SER A 439 -1.44 -11.87 2.16
C SER A 439 -2.75 -11.71 1.39
N LEU A 440 -3.06 -12.66 0.50
CA LEU A 440 -4.32 -12.63 -0.26
C LEU A 440 -5.54 -12.72 0.67
N LYS A 441 -5.57 -13.69 1.60
CA LYS A 441 -6.69 -13.83 2.53
C LYS A 441 -6.85 -12.57 3.39
N ARG A 442 -5.73 -11.92 3.84
CA ARG A 442 -5.76 -10.70 4.66
C ARG A 442 -6.38 -9.51 3.95
N PHE A 443 -6.10 -9.38 2.66
CA PHE A 443 -6.67 -8.34 1.83
C PHE A 443 -8.18 -8.58 1.68
N GLU A 444 -8.60 -9.80 1.27
CA GLU A 444 -10.03 -10.12 1.11
C GLU A 444 -10.86 -10.07 2.42
N ASN A 445 -10.22 -10.39 3.55
CA ASN A 445 -10.93 -10.44 4.83
C ASN A 445 -11.18 -9.09 5.46
N PHE A 446 -10.36 -8.09 5.14
CA PHE A 446 -10.49 -6.80 5.79
C PHE A 446 -10.77 -5.61 4.87
N LYS A 447 -10.57 -5.73 3.55
CA LYS A 447 -10.73 -4.60 2.62
C LYS A 447 -12.05 -3.83 2.75
N GLN A 448 -13.14 -4.50 3.15
CA GLN A 448 -14.45 -3.88 3.29
C GLN A 448 -14.51 -2.82 4.41
N SER A 449 -13.53 -2.85 5.34
CA SER A 449 -13.40 -1.90 6.42
C SER A 449 -12.29 -0.87 6.20
N TYR A 450 -11.63 -0.86 5.03
CA TYR A 450 -10.56 0.08 4.72
C TYR A 450 -11.04 1.52 4.85
N GLY A 451 -10.42 2.26 5.74
CA GLY A 451 -10.82 3.64 6.03
C GLY A 451 -11.28 3.86 7.45
N ALA A 452 -11.52 2.79 8.23
CA ALA A 452 -11.93 2.93 9.62
C ALA A 452 -10.78 3.42 10.51
N ARG A 453 -9.52 3.17 10.10
CA ARG A 453 -8.33 3.65 10.80
C ARG A 453 -7.49 4.51 9.83
N GLU A 454 -6.69 5.43 10.36
CA GLU A 454 -5.79 6.25 9.55
C GLU A 454 -4.75 5.35 8.87
N GLU A 455 -4.25 4.31 9.59
CA GLU A 455 -3.28 3.28 9.14
C GLU A 455 -3.73 2.52 7.87
N ASP A 456 -5.04 2.56 7.57
CA ASP A 456 -5.62 1.85 6.44
C ASP A 456 -5.18 2.39 5.10
N GLU A 457 -4.65 3.64 5.05
CA GLU A 457 -4.13 4.27 3.83
C GLU A 457 -3.04 3.41 3.22
N THR A 458 -2.18 2.80 4.05
CA THR A 458 -1.12 1.95 3.56
C THR A 458 -1.70 0.74 2.83
N LEU A 459 -2.71 0.11 3.45
CA LEU A 459 -3.38 -1.04 2.89
C LEU A 459 -4.18 -0.71 1.62
N ILE A 460 -4.87 0.45 1.60
CA ILE A 460 -5.68 0.92 0.48
C ILE A 460 -4.78 1.22 -0.73
N GLN A 461 -3.63 1.86 -0.45
CA GLN A 461 -2.65 2.27 -1.47
C GLN A 461 -1.72 1.16 -1.95
N GLY A 462 -1.78 -0.02 -1.34
CA GLY A 462 -0.97 -1.15 -1.78
C GLY A 462 -1.55 -1.78 -3.02
N ASN A 463 -0.73 -2.51 -3.80
CA ASN A 463 -1.21 -3.18 -5.01
C ASN A 463 -1.21 -4.68 -4.79
N VAL A 464 -2.38 -5.32 -4.79
CA VAL A 464 -2.48 -6.77 -4.61
C VAL A 464 -1.93 -7.54 -5.83
N GLY A 465 -1.73 -6.86 -6.97
CA GLY A 465 -1.11 -7.44 -8.15
C GLY A 465 0.34 -7.80 -7.87
N ARG A 466 0.98 -7.15 -6.89
CA ARG A 466 2.35 -7.46 -6.49
C ARG A 466 2.41 -8.86 -5.88
N ILE A 467 1.37 -9.27 -5.13
CA ILE A 467 1.32 -10.62 -4.55
C ILE A 467 1.23 -11.69 -5.67
N TYR A 468 0.47 -11.36 -6.74
CA TYR A 468 0.32 -12.21 -7.93
C TYR A 468 1.64 -12.32 -8.70
N PHE A 469 2.39 -11.20 -8.77
CA PHE A 469 3.70 -11.14 -9.41
C PHE A 469 4.67 -12.01 -8.62
N ASP A 470 4.64 -11.93 -7.29
CA ASP A 470 5.51 -12.73 -6.44
C ASP A 470 5.19 -14.21 -6.62
N LYS A 471 3.89 -14.59 -6.64
CA LYS A 471 3.49 -15.99 -6.82
C LYS A 471 3.94 -16.57 -8.16
N ALA A 472 3.75 -15.78 -9.22
CA ALA A 472 4.16 -16.12 -10.57
C ALA A 472 5.69 -16.18 -10.70
N ARG A 473 6.41 -15.35 -9.92
CA ARG A 473 7.89 -15.33 -9.84
C ARG A 473 8.41 -16.63 -9.18
N ILE A 474 7.59 -17.32 -8.36
CA ILE A 474 7.97 -18.59 -7.76
C ILE A 474 7.74 -19.70 -8.81
N GLN A 475 6.58 -19.66 -9.49
CA GLN A 475 6.19 -20.58 -10.55
C GLN A 475 7.20 -20.52 -11.72
N TYR A 476 7.75 -19.32 -12.00
CA TYR A 476 8.73 -19.04 -13.04
C TYR A 476 10.09 -19.61 -12.68
N LEU A 477 10.54 -19.42 -11.43
CA LEU A 477 11.82 -19.97 -11.00
C LEU A 477 11.76 -21.49 -10.89
N SER A 478 10.63 -22.06 -10.48
CA SER A 478 10.47 -23.51 -10.41
C SER A 478 10.53 -24.15 -11.81
N ALA A 479 10.01 -23.45 -12.82
CA ALA A 479 10.06 -23.92 -14.19
C ALA A 479 11.47 -23.77 -14.78
N ALA A 480 12.25 -22.80 -14.30
CA ALA A 480 13.61 -22.56 -14.75
C ALA A 480 14.64 -23.34 -13.89
N GLY A 481 14.25 -24.48 -13.36
CA GLY A 481 15.13 -25.33 -12.55
C GLY A 481 15.60 -24.79 -11.22
N ILE A 482 15.23 -23.55 -10.86
CA ILE A 482 15.62 -22.98 -9.56
C ILE A 482 14.74 -23.51 -8.44
N HIS A 483 15.34 -24.21 -7.48
CA HIS A 483 14.64 -24.76 -6.32
C HIS A 483 15.38 -24.36 -5.00
N GLU A 484 14.86 -24.77 -3.83
CA GLU A 484 15.41 -24.45 -2.50
C GLU A 484 16.91 -24.83 -2.29
N LYS A 485 17.48 -25.70 -3.15
CA LYS A 485 18.90 -26.12 -3.10
C LYS A 485 19.81 -25.26 -4.01
N ASP A 486 19.23 -24.51 -4.95
CA ASP A 486 19.96 -23.62 -5.87
C ASP A 486 20.24 -22.24 -5.23
N LYS A 487 20.16 -22.12 -3.89
CA LYS A 487 20.42 -20.87 -3.17
C LYS A 487 21.92 -20.59 -3.09
N PHE A 491 25.08 -19.73 -9.98
CA PHE A 491 26.02 -20.40 -10.86
C PHE A 491 26.46 -21.76 -10.31
N PRO A 492 26.29 -22.86 -11.07
CA PRO A 492 25.74 -22.96 -12.44
C PRO A 492 24.20 -23.00 -12.52
N GLY A 493 23.53 -22.54 -11.47
CA GLY A 493 22.07 -22.51 -11.38
C GLY A 493 21.44 -21.55 -12.37
N ARG A 494 22.17 -20.44 -12.68
CA ARG A 494 21.70 -19.43 -13.64
C ARG A 494 22.19 -19.70 -15.08
N LYS A 495 23.09 -20.66 -15.29
CA LYS A 495 23.60 -21.01 -16.63
C LYS A 495 22.55 -21.92 -17.28
N ILE A 496 21.42 -21.35 -17.72
CA ILE A 496 20.34 -22.12 -18.32
C ILE A 496 20.38 -22.03 -19.83
N TYR A 497 20.42 -23.17 -20.53
CA TYR A 497 20.50 -23.18 -21.98
C TYR A 497 19.13 -23.32 -22.64
N PRO A 498 18.88 -22.60 -23.74
CA PRO A 498 17.59 -22.76 -24.45
C PRO A 498 17.40 -24.20 -24.91
N PHE A 499 16.29 -24.77 -24.48
CA PHE A 499 15.90 -26.18 -24.64
C PHE A 499 15.76 -26.62 -26.10
N ALA A 509 14.16 -30.47 -22.54
CA ALA A 509 13.88 -29.50 -23.60
C ALA A 509 12.37 -29.29 -23.79
N LYS A 510 11.60 -30.40 -23.79
CA LYS A 510 10.17 -30.35 -24.01
C LYS A 510 9.38 -29.86 -22.79
N THR A 511 9.50 -30.52 -21.61
CA THR A 511 8.73 -30.15 -20.42
C THR A 511 9.17 -28.83 -19.82
N ARG A 512 10.45 -28.44 -20.00
CA ARG A 512 10.94 -27.17 -19.45
C ARG A 512 10.36 -25.96 -20.16
N SER A 513 10.00 -26.09 -21.44
CA SER A 513 9.37 -24.98 -22.17
C SER A 513 7.85 -24.85 -21.80
N MET A 514 7.24 -25.97 -21.36
CA MET A 514 5.84 -26.08 -20.96
C MET A 514 5.55 -25.33 -19.64
N GLU A 515 6.29 -25.63 -18.56
CA GLU A 515 6.01 -25.01 -17.25
C GLU A 515 6.35 -23.49 -17.21
N LEU A 516 7.07 -22.97 -18.21
CA LEU A 516 7.38 -21.55 -18.29
C LEU A 516 6.16 -20.81 -18.85
N LYS A 517 5.60 -21.33 -19.97
CA LYS A 517 4.43 -20.77 -20.65
C LYS A 517 3.16 -20.75 -19.77
N ASN A 518 3.11 -21.60 -18.74
CA ASN A 518 1.97 -21.58 -17.84
C ASN A 518 2.12 -20.46 -16.81
N SER A 519 3.35 -20.16 -16.36
CA SER A 519 3.65 -19.08 -15.40
C SER A 519 3.33 -17.69 -15.90
N LEU A 520 3.16 -17.53 -17.21
CA LEU A 520 2.81 -16.28 -17.86
C LEU A 520 1.39 -15.82 -17.51
N GLU A 521 0.49 -16.77 -17.19
CA GLU A 521 -0.87 -16.49 -16.74
C GLU A 521 -0.86 -15.79 -15.39
N GLY A 522 0.10 -16.15 -14.53
CA GLY A 522 0.27 -15.50 -13.23
C GLY A 522 0.78 -14.09 -13.40
N PHE A 523 1.71 -13.89 -14.35
CA PHE A 523 2.21 -12.54 -14.66
C PHE A 523 1.11 -11.65 -15.27
N SER A 524 0.10 -12.27 -15.90
CA SER A 524 -1.04 -11.64 -16.53
C SER A 524 -2.06 -11.19 -15.48
N LYS A 525 -2.35 -12.04 -14.46
CA LYS A 525 -3.22 -11.67 -13.35
C LYS A 525 -2.63 -10.47 -12.61
N ALA A 526 -1.31 -10.48 -12.39
CA ALA A 526 -0.61 -9.37 -11.74
C ALA A 526 -0.87 -8.02 -12.44
N GLU A 527 -0.84 -8.01 -13.78
CA GLU A 527 -1.09 -6.81 -14.57
C GLU A 527 -2.60 -6.48 -14.65
N SER A 528 -3.46 -7.51 -14.61
CA SER A 528 -4.92 -7.44 -14.64
C SER A 528 -5.52 -6.75 -13.41
N VAL A 529 -4.80 -6.78 -12.28
CA VAL A 529 -5.28 -6.20 -11.05
C VAL A 529 -5.34 -4.67 -11.13
N GLN A 530 -4.28 -4.02 -11.60
CA GLN A 530 -4.26 -2.56 -11.73
C GLN A 530 -5.40 -2.02 -12.62
N THR A 531 -5.82 -2.80 -13.63
CA THR A 531 -6.90 -2.40 -14.54
C THR A 531 -8.29 -3.00 -14.18
N ASP A 532 -8.38 -3.74 -13.08
CA ASP A 532 -9.61 -4.42 -12.66
C ASP A 532 -10.71 -3.48 -12.19
N GLU A 533 -11.71 -3.27 -13.03
CA GLU A 533 -12.83 -2.40 -12.68
C GLU A 533 -13.91 -3.11 -11.83
N ASN A 534 -13.59 -4.26 -11.24
CA ASN A 534 -14.51 -5.02 -10.41
C ASN A 534 -14.44 -4.60 -8.91
N GLU A 535 -13.24 -4.21 -8.45
CA GLU A 535 -12.90 -3.78 -7.08
C GLU A 535 -13.73 -2.57 -6.57
N TYR A 536 -13.70 -2.31 -5.24
CA TYR A 536 -14.39 -1.19 -4.59
C TYR A 536 -13.82 0.13 -5.06
N THR A 537 -14.68 1.15 -5.18
CA THR A 537 -14.33 2.48 -5.64
C THR A 537 -13.11 3.05 -4.92
N LEU A 538 -13.10 2.99 -3.56
CA LEU A 538 -11.98 3.47 -2.75
C LEU A 538 -10.65 2.82 -3.16
N ILE A 539 -10.59 1.48 -3.22
CA ILE A 539 -9.36 0.79 -3.60
C ILE A 539 -8.94 1.10 -5.04
N ARG A 540 -9.92 1.23 -5.95
CA ARG A 540 -9.68 1.52 -7.36
C ARG A 540 -9.04 2.90 -7.58
N ARG A 541 -9.54 3.93 -6.89
CA ARG A 541 -9.01 5.28 -7.08
C ARG A 541 -7.69 5.56 -6.33
N TRP A 542 -7.34 4.74 -5.33
CA TRP A 542 -6.12 4.92 -4.56
C TRP A 542 -5.03 3.87 -4.85
N ARG A 543 -5.38 2.77 -5.54
CA ARG A 543 -4.45 1.70 -5.91
C ARG A 543 -3.27 2.27 -6.70
N THR A 544 -2.06 2.22 -6.13
CA THR A 544 -0.86 2.73 -6.79
C THR A 544 -0.35 1.68 -7.79
N PRO A 545 -0.04 2.06 -9.04
CA PRO A 545 0.43 1.05 -10.03
C PRO A 545 1.74 0.37 -9.69
N LEU A 546 2.00 -0.81 -10.32
CA LEU A 546 3.20 -1.60 -10.09
C LEU A 546 4.45 -0.80 -10.33
N PRO A 547 5.38 -0.83 -9.36
CA PRO A 547 6.57 0.03 -9.47
C PRO A 547 7.50 -0.33 -10.63
N PRO A 548 8.26 0.67 -11.13
CA PRO A 548 9.19 0.42 -12.25
C PRO A 548 10.07 -0.82 -12.11
N GLU A 549 10.63 -1.10 -10.93
CA GLU A 549 11.51 -2.25 -10.72
C GLU A 549 10.80 -3.57 -10.97
N ILE A 550 9.50 -3.65 -10.68
CA ILE A 550 8.73 -4.85 -10.93
C ILE A 550 8.36 -4.95 -12.41
N GLN A 551 8.03 -3.80 -13.05
CA GLN A 551 7.68 -3.69 -14.47
C GLN A 551 8.86 -4.12 -15.34
N ARG A 552 10.09 -3.74 -14.95
CA ARG A 552 11.33 -4.09 -15.63
C ARG A 552 11.53 -5.61 -15.51
N GLU A 553 11.33 -6.16 -14.31
CA GLU A 553 11.45 -7.59 -14.09
C GLU A 553 10.42 -8.34 -14.93
N LEU A 554 9.21 -7.82 -15.02
CA LEU A 554 8.11 -8.40 -15.77
C LEU A 554 8.41 -8.51 -17.25
N ARG A 555 9.03 -7.46 -17.83
CA ARG A 555 9.41 -7.47 -19.24
C ARG A 555 10.55 -8.51 -19.46
N TYR A 556 11.57 -8.50 -18.58
CA TYR A 556 12.67 -9.44 -18.71
C TYR A 556 12.17 -10.90 -18.59
N PHE A 557 11.33 -11.19 -17.58
CA PHE A 557 10.76 -12.53 -17.38
C PHE A 557 9.98 -13.00 -18.58
N LYS A 558 9.16 -12.12 -19.18
CA LYS A 558 8.37 -12.49 -20.35
C LYS A 558 9.25 -12.80 -21.56
N GLY A 559 10.30 -11.99 -21.73
CA GLY A 559 11.26 -12.15 -22.80
C GLY A 559 12.11 -13.38 -22.64
N TRP A 560 12.43 -13.74 -21.40
CA TRP A 560 13.23 -14.93 -21.08
C TRP A 560 12.45 -16.19 -21.39
N VAL A 561 11.13 -16.19 -21.12
CA VAL A 561 10.28 -17.34 -21.47
C VAL A 561 10.25 -17.48 -23.01
N ASP A 562 10.13 -16.36 -23.76
CA ASP A 562 10.20 -16.43 -25.22
C ASP A 562 11.56 -16.99 -25.67
N TYR A 563 12.65 -16.47 -25.12
CA TYR A 563 13.99 -16.90 -25.46
C TYR A 563 14.20 -18.41 -25.20
N MET A 564 13.92 -18.89 -23.98
CA MET A 564 14.10 -20.31 -23.65
C MET A 564 13.20 -21.25 -24.44
N SER A 565 12.06 -20.73 -24.93
CA SER A 565 11.14 -21.50 -25.78
C SER A 565 11.56 -21.51 -27.26
N GLY A 566 12.61 -20.79 -27.63
CA GLY A 566 13.06 -20.72 -29.01
C GLY A 566 12.45 -19.59 -29.80
N ASP A 567 11.65 -18.72 -29.16
CA ASP A 567 11.02 -17.60 -29.84
C ASP A 567 11.88 -16.37 -29.66
N PHE A 568 13.06 -16.36 -30.31
CA PHE A 568 14.06 -15.29 -30.24
C PHE A 568 13.57 -13.97 -30.75
N ALA A 569 12.80 -13.99 -31.84
CA ALA A 569 12.22 -12.77 -32.39
C ALA A 569 11.24 -12.16 -31.39
N ALA A 570 10.42 -13.01 -30.74
CA ALA A 570 9.48 -12.55 -29.73
C ALA A 570 10.22 -11.95 -28.52
N SER A 571 11.32 -12.61 -28.08
CA SER A 571 12.12 -12.10 -26.96
C SER A 571 12.72 -10.75 -27.32
N LEU A 572 13.17 -10.56 -28.57
CA LEU A 572 13.71 -9.30 -29.05
C LEU A 572 12.63 -8.26 -29.04
N ASN A 573 11.43 -8.59 -29.53
CA ASN A 573 10.32 -7.64 -29.54
C ASN A 573 9.91 -7.24 -28.12
N GLU A 574 10.08 -8.15 -27.14
CA GLU A 574 9.74 -7.92 -25.74
C GLU A 574 10.82 -7.08 -25.07
N TRP A 575 12.09 -7.47 -25.19
CA TRP A 575 13.25 -6.77 -24.60
C TRP A 575 13.59 -5.43 -25.29
N SER A 576 13.08 -5.20 -26.51
CA SER A 576 13.32 -3.95 -27.25
C SER A 576 12.67 -2.74 -26.57
N GLY A 577 11.61 -2.99 -25.79
CA GLY A 577 10.91 -1.96 -25.02
C GLY A 577 11.75 -1.41 -23.88
N PHE A 578 12.78 -2.16 -23.43
CA PHE A 578 13.63 -1.75 -22.32
C PHE A 578 14.18 -0.36 -22.41
N GLU A 579 14.13 0.35 -21.27
CA GLU A 579 14.58 1.72 -21.02
C GLU A 579 15.93 2.06 -21.62
N ASP A 580 16.10 3.35 -21.99
CA ASP A 580 17.31 3.90 -22.60
C ASP A 580 18.60 3.56 -21.82
N GLU A 581 18.63 3.88 -20.52
CA GLU A 581 19.80 3.64 -19.66
C GLU A 581 20.12 2.15 -19.43
N GLU A 582 19.09 1.30 -19.34
CA GLU A 582 19.30 -0.13 -19.07
C GLU A 582 19.49 -1.00 -20.32
N GLU A 583 19.14 -0.47 -21.51
CA GLU A 583 19.28 -1.19 -22.76
C GLU A 583 20.76 -1.45 -23.06
N TYR A 584 21.58 -0.39 -23.12
CA TYR A 584 23.00 -0.53 -23.39
C TYR A 584 23.83 -0.64 -22.11
N ASN A 585 23.24 -1.19 -21.02
CA ASN A 585 23.99 -1.29 -19.76
C ASN A 585 24.02 -2.70 -19.16
N HIS A 586 22.85 -3.33 -18.88
CA HIS A 586 22.89 -4.66 -18.24
C HIS A 586 23.45 -5.74 -19.17
N SER A 587 24.48 -6.44 -18.68
CA SER A 587 25.15 -7.47 -19.44
C SER A 587 24.26 -8.66 -19.75
N THR A 588 23.36 -9.05 -18.82
CA THR A 588 22.43 -10.16 -19.07
C THR A 588 21.48 -9.78 -20.20
N LEU A 589 20.97 -8.55 -20.18
CA LEU A 589 20.10 -8.07 -21.24
C LEU A 589 20.86 -7.99 -22.58
N LEU A 590 22.05 -7.38 -22.60
CA LEU A 590 22.86 -7.25 -23.82
C LEU A 590 23.21 -8.62 -24.39
N MET A 591 23.45 -9.60 -23.53
CA MET A 591 23.78 -10.94 -23.98
C MET A 591 22.60 -11.67 -24.56
N GLY A 592 21.47 -11.64 -23.86
CA GLY A 592 20.23 -12.24 -24.35
C GLY A 592 19.77 -11.62 -25.64
N LYS A 593 19.92 -10.30 -25.80
CA LYS A 593 19.54 -9.61 -27.03
C LYS A 593 20.46 -10.00 -28.17
N ALA A 594 21.77 -10.06 -27.92
CA ALA A 594 22.74 -10.44 -28.95
C ALA A 594 22.57 -11.88 -29.40
N ASN A 595 22.24 -12.81 -28.48
CA ASN A 595 22.02 -14.20 -28.85
C ASN A 595 20.82 -14.30 -29.80
N ALA A 596 19.72 -13.62 -29.47
CA ALA A 596 18.51 -13.58 -30.27
C ALA A 596 18.75 -12.91 -31.63
N PHE A 597 19.65 -11.90 -31.69
CA PHE A 597 20.04 -11.23 -32.93
C PHE A 597 20.74 -12.23 -33.86
N PHE A 598 21.72 -13.00 -33.33
CA PHE A 598 22.42 -14.03 -34.10
C PHE A 598 21.41 -15.07 -34.64
N TYR A 599 20.49 -15.54 -33.79
CA TYR A 599 19.50 -16.54 -34.20
C TYR A 599 18.48 -16.03 -35.21
N THR A 600 18.33 -14.69 -35.34
CA THR A 600 17.42 -14.11 -36.32
C THR A 600 18.18 -13.52 -37.55
N GLY A 601 19.47 -13.85 -37.72
CA GLY A 601 20.26 -13.38 -38.85
C GLY A 601 20.88 -11.99 -38.75
N GLN A 602 20.64 -11.29 -37.63
CA GLN A 602 21.15 -9.93 -37.42
C GLN A 602 22.53 -9.99 -36.76
N TYR A 603 23.50 -10.54 -37.49
CA TYR A 603 24.87 -10.79 -37.04
C TYR A 603 25.61 -9.53 -36.63
N LYS A 604 25.31 -8.43 -37.30
CA LYS A 604 25.93 -7.12 -37.07
C LYS A 604 25.42 -6.52 -35.77
N ALA A 605 24.11 -6.62 -35.52
CA ALA A 605 23.49 -6.12 -34.30
C ALA A 605 23.98 -6.88 -33.08
N SER A 606 24.13 -8.21 -33.21
CA SER A 606 24.59 -9.05 -32.12
C SER A 606 26.02 -8.73 -31.77
N LEU A 607 26.88 -8.49 -32.80
CA LEU A 607 28.30 -8.17 -32.61
C LEU A 607 28.47 -6.98 -31.68
N GLY A 608 27.68 -5.94 -31.89
CA GLY A 608 27.68 -4.74 -31.07
C GLY A 608 27.47 -5.00 -29.59
N ASN A 609 26.48 -5.82 -29.25
CA ASN A 609 26.20 -6.13 -27.84
C ASN A 609 27.29 -6.98 -27.21
N TYR A 610 27.79 -8.00 -27.93
CA TYR A 610 28.86 -8.87 -27.44
C TYR A 610 30.15 -8.05 -27.23
N LEU A 611 30.47 -7.14 -28.16
CA LEU A 611 31.65 -6.30 -28.03
C LEU A 611 31.52 -5.38 -26.83
N LYS A 612 30.32 -4.86 -26.58
CA LYS A 612 30.10 -4.01 -25.41
C LYS A 612 30.29 -4.83 -24.13
N VAL A 613 29.68 -6.01 -24.06
CA VAL A 613 29.85 -6.89 -22.90
C VAL A 613 31.33 -7.27 -22.69
N GLN A 614 32.06 -7.55 -23.78
CA GLN A 614 33.49 -7.88 -23.73
C GLN A 614 34.27 -6.76 -23.06
N ASP A 615 34.01 -5.51 -23.48
CA ASP A 615 34.67 -4.33 -22.91
C ASP A 615 34.36 -4.20 -21.41
N ASP A 616 33.10 -4.42 -21.01
CA ASP A 616 32.67 -4.32 -19.60
C ASP A 616 33.28 -5.39 -18.72
N MET A 617 33.33 -6.65 -19.21
CA MET A 617 33.87 -7.77 -18.45
C MET A 617 35.40 -7.71 -18.37
N GLU A 618 36.07 -7.19 -19.41
CA GLU A 618 37.51 -7.00 -19.36
C GLU A 618 37.87 -5.83 -18.43
N GLU A 619 36.98 -4.82 -18.31
CA GLU A 619 37.14 -3.68 -17.41
C GLU A 619 37.03 -4.16 -15.96
N LYS A 620 35.97 -4.93 -15.64
CA LYS A 620 35.76 -5.48 -14.30
C LYS A 620 36.95 -6.36 -13.85
N LEU A 621 37.59 -7.04 -14.80
CA LEU A 621 38.74 -7.93 -14.59
C LEU A 621 39.97 -7.18 -14.02
N LEU A 622 40.08 -5.88 -14.29
CA LEU A 622 41.17 -5.06 -13.76
C LEU A 622 40.99 -4.80 -12.25
N ASN A 623 39.74 -4.75 -11.77
CA ASN A 623 39.43 -4.55 -10.36
C ASN A 623 39.72 -5.83 -9.57
N MET A 624 39.36 -6.99 -10.13
CA MET A 624 39.62 -8.27 -9.48
C MET A 624 41.05 -8.75 -9.79
N GLY A 625 41.59 -9.61 -8.93
CA GLY A 625 42.97 -10.07 -9.10
C GLY A 625 43.13 -11.46 -9.69
N LEU A 626 43.33 -12.45 -8.83
CA LEU A 626 43.50 -13.83 -9.27
C LEU A 626 42.15 -14.50 -9.42
N PRO A 627 41.96 -15.30 -10.48
CA PRO A 627 40.66 -15.96 -10.69
C PRO A 627 40.35 -17.01 -9.63
N LYS A 628 39.20 -16.92 -9.00
CA LYS A 628 38.81 -17.88 -7.98
C LYS A 628 37.52 -18.60 -8.37
N PRO A 629 37.60 -19.88 -8.72
CA PRO A 629 36.39 -20.62 -9.11
C PRO A 629 35.33 -20.74 -8.03
N ASP A 630 35.74 -20.84 -6.75
CA ASP A 630 34.82 -20.93 -5.62
C ASP A 630 33.96 -19.66 -5.53
N ASP A 631 34.58 -18.49 -5.77
CA ASP A 631 33.90 -17.19 -5.72
C ASP A 631 32.81 -17.10 -6.78
N PRO A 632 31.60 -16.69 -6.38
CA PRO A 632 30.50 -16.61 -7.34
C PRO A 632 30.59 -15.44 -8.31
N TYR A 633 31.23 -14.33 -7.90
CA TYR A 633 31.36 -13.17 -8.78
C TYR A 633 32.37 -13.45 -9.90
N HIS A 634 33.45 -14.18 -9.58
CA HIS A 634 34.43 -14.57 -10.60
C HIS A 634 33.74 -15.52 -11.62
N GLN A 635 32.85 -16.40 -11.14
CA GLN A 635 32.07 -17.32 -11.97
C GLN A 635 31.19 -16.54 -12.93
N GLU A 636 30.58 -15.44 -12.47
CA GLU A 636 29.73 -14.63 -13.35
C GLU A 636 30.54 -13.93 -14.43
N VAL A 637 31.59 -13.19 -14.03
CA VAL A 637 32.45 -12.43 -14.94
C VAL A 637 33.14 -13.31 -15.99
N TYR A 638 33.85 -14.36 -15.54
CA TYR A 638 34.59 -15.27 -16.42
C TYR A 638 33.67 -16.05 -17.35
N GLN A 639 32.58 -16.61 -16.81
CA GLN A 639 31.60 -17.37 -17.58
C GLN A 639 30.94 -16.50 -18.66
N THR A 640 30.63 -15.23 -18.34
CA THR A 640 30.05 -14.32 -19.33
C THR A 640 31.07 -13.98 -20.40
N LEU A 641 32.32 -13.78 -19.99
CA LEU A 641 33.42 -13.45 -20.89
C LEU A 641 33.70 -14.61 -21.85
N VAL A 642 33.57 -15.87 -21.38
CA VAL A 642 33.70 -17.08 -22.21
C VAL A 642 32.63 -17.03 -23.32
N ALA A 643 31.36 -16.81 -22.93
CA ALA A 643 30.23 -16.74 -23.85
C ALA A 643 30.44 -15.62 -24.87
N ALA A 644 30.81 -14.41 -24.43
CA ALA A 644 31.02 -13.30 -25.34
C ALA A 644 32.17 -13.56 -26.33
N TYR A 645 33.25 -14.20 -25.88
CA TYR A 645 34.39 -14.50 -26.76
C TYR A 645 33.98 -15.44 -27.88
N ASN A 646 33.38 -16.59 -27.52
CA ASN A 646 32.91 -17.59 -28.46
C ASN A 646 31.85 -17.02 -29.40
N ASN A 647 30.95 -16.22 -28.86
CA ASN A 647 29.86 -15.66 -29.64
C ASN A 647 30.39 -14.62 -30.64
N ILE A 648 31.42 -13.85 -30.25
CA ILE A 648 32.09 -12.90 -31.15
C ILE A 648 32.76 -13.67 -32.30
N GLY A 649 33.34 -14.82 -31.98
CA GLY A 649 33.93 -15.71 -32.96
C GLY A 649 32.87 -16.26 -33.90
N ALA A 650 31.68 -16.68 -33.38
CA ALA A 650 30.56 -17.20 -34.19
C ALA A 650 30.07 -16.20 -35.24
N VAL A 651 29.96 -14.91 -34.84
CA VAL A 651 29.58 -13.83 -35.76
C VAL A 651 30.63 -13.69 -36.87
N TYR A 652 31.93 -13.75 -36.51
CA TYR A 652 33.05 -13.66 -37.45
C TYR A 652 33.05 -14.82 -38.41
N GLU A 653 32.74 -16.03 -37.93
CA GLU A 653 32.65 -17.22 -38.78
C GLU A 653 31.58 -17.01 -39.85
N LYS A 654 30.40 -16.51 -39.45
CA LYS A 654 29.26 -16.22 -40.33
C LYS A 654 29.56 -15.15 -41.38
N GLN A 655 30.48 -14.23 -41.06
CA GLN A 655 30.87 -13.19 -42.00
C GLN A 655 32.08 -13.55 -42.88
N GLY A 656 32.71 -14.70 -42.63
CA GLY A 656 33.85 -15.16 -43.43
C GLY A 656 35.22 -14.78 -42.91
N ASN A 657 35.29 -14.41 -41.62
CA ASN A 657 36.55 -14.02 -41.01
C ASN A 657 37.08 -15.16 -40.16
N THR A 658 37.52 -16.24 -40.81
CA THR A 658 38.06 -17.45 -40.20
C THR A 658 39.11 -17.15 -39.13
N SER A 659 40.04 -16.23 -39.43
CA SER A 659 41.11 -15.84 -38.53
C SER A 659 40.57 -15.33 -37.18
N GLU A 660 39.73 -14.28 -37.20
CA GLU A 660 39.15 -13.74 -35.97
C GLU A 660 38.09 -14.65 -35.34
N ALA A 661 37.56 -15.64 -36.10
CA ALA A 661 36.63 -16.60 -35.55
C ALA A 661 37.47 -17.57 -34.72
N LEU A 662 38.53 -18.18 -35.29
CA LEU A 662 39.41 -19.12 -34.60
C LEU A 662 40.07 -18.50 -33.37
N LYS A 663 40.65 -17.29 -33.51
CA LYS A 663 41.24 -16.54 -32.40
C LYS A 663 40.24 -16.37 -31.22
N HIS A 664 38.98 -16.03 -31.53
CA HIS A 664 37.97 -15.81 -30.50
C HIS A 664 37.46 -17.11 -29.85
N TYR A 665 37.40 -18.22 -30.59
CA TYR A 665 37.05 -19.54 -30.01
C TYR A 665 38.15 -19.94 -29.02
N TRP A 666 39.43 -19.72 -29.39
CA TRP A 666 40.58 -20.00 -28.54
C TRP A 666 40.60 -19.15 -27.28
N LYS A 667 40.14 -17.89 -27.40
CA LYS A 667 40.03 -16.94 -26.30
C LYS A 667 39.00 -17.48 -25.31
N ALA A 668 37.84 -17.97 -25.82
CA ALA A 668 36.80 -18.56 -24.99
C ALA A 668 37.31 -19.83 -24.29
N ILE A 669 38.05 -20.69 -25.01
CA ILE A 669 38.65 -21.92 -24.47
C ILE A 669 39.64 -21.61 -23.33
N GLU A 670 40.60 -20.69 -23.55
CA GLU A 670 41.59 -20.35 -22.54
C GLU A 670 40.97 -19.64 -21.32
N THR A 671 40.03 -18.71 -21.56
CA THR A 671 39.34 -17.98 -20.50
C THR A 671 38.60 -18.95 -19.57
N ALA A 672 37.98 -19.99 -20.16
CA ALA A 672 37.26 -21.02 -19.40
C ALA A 672 38.22 -21.81 -18.52
N ARG A 673 39.41 -22.15 -19.04
CA ARG A 673 40.44 -22.88 -18.32
C ARG A 673 40.96 -22.10 -17.10
N LYS A 674 40.92 -20.77 -17.15
CA LYS A 674 41.35 -19.93 -16.03
C LYS A 674 40.48 -20.15 -14.80
N ILE A 675 39.20 -20.54 -14.96
CA ILE A 675 38.34 -20.82 -13.81
C ILE A 675 38.09 -22.32 -13.63
N ASN A 676 39.03 -23.16 -14.07
CA ASN A 676 38.98 -24.62 -14.00
C ASN A 676 37.73 -25.18 -14.67
N GLU A 677 37.46 -24.71 -15.90
CA GLU A 677 36.28 -25.10 -16.69
C GLU A 677 36.65 -25.31 -18.18
N VAL A 678 35.72 -25.84 -18.96
CA VAL A 678 35.92 -26.01 -20.39
C VAL A 678 34.69 -25.52 -21.13
N SER A 679 34.90 -24.92 -22.30
CA SER A 679 33.77 -24.55 -23.13
C SER A 679 33.77 -25.54 -24.25
N GLU A 680 32.99 -26.60 -24.08
CA GLU A 680 32.78 -27.64 -25.07
C GLU A 680 32.26 -27.02 -26.39
N ILE A 681 31.49 -25.93 -26.31
CA ILE A 681 30.94 -25.23 -27.48
C ILE A 681 32.07 -24.60 -28.31
N ALA A 682 33.00 -23.91 -27.64
CA ALA A 682 34.14 -23.26 -28.31
C ALA A 682 35.13 -24.29 -28.86
N MET A 683 35.29 -25.42 -28.14
CA MET A 683 36.15 -26.52 -28.55
C MET A 683 35.59 -27.15 -29.83
N SER A 684 34.25 -27.29 -29.91
CA SER A 684 33.56 -27.81 -31.08
C SER A 684 33.67 -26.81 -32.25
N ASN A 685 33.47 -25.52 -32.00
CA ASN A 685 33.58 -24.51 -33.05
C ASN A 685 34.99 -24.47 -33.65
N LYS A 686 36.00 -24.69 -32.80
CA LYS A 686 37.38 -24.71 -33.23
C LYS A 686 37.71 -26.01 -33.99
N ASP A 687 37.29 -27.16 -33.46
CA ASP A 687 37.59 -28.44 -34.09
C ASP A 687 36.80 -28.71 -35.38
N LEU A 688 35.60 -28.14 -35.48
CA LEU A 688 34.68 -28.33 -36.60
C LEU A 688 34.70 -27.25 -37.68
N MET A 689 35.48 -26.20 -37.50
CA MET A 689 35.61 -25.08 -38.44
C MET A 689 35.65 -25.51 -39.95
N PHE A 690 36.54 -26.46 -40.30
CA PHE A 690 36.61 -26.96 -41.67
C PHE A 690 36.13 -28.43 -41.77
N LYS A 691 35.34 -28.90 -40.80
CA LYS A 691 34.78 -30.26 -40.84
C LYS A 691 33.25 -30.21 -40.85
N LYS A 692 32.64 -29.11 -41.37
CA LYS A 692 31.20 -28.92 -41.46
C LYS A 692 30.56 -29.98 -42.38
N GLU A 693 29.43 -30.56 -41.97
CA GLU A 693 28.77 -31.61 -42.74
C GLU A 693 27.50 -31.19 -43.50
N ALA A 694 27.12 -29.91 -43.41
CA ALA A 694 25.93 -29.40 -44.09
C ALA A 694 26.07 -27.92 -44.44
N ILE A 695 25.49 -27.52 -45.58
CA ILE A 695 25.51 -26.13 -46.04
C ILE A 695 24.76 -25.26 -45.06
N GLY A 696 25.39 -24.15 -44.68
CA GLY A 696 24.80 -23.22 -43.74
C GLY A 696 24.83 -23.67 -42.30
N GLN A 697 25.72 -24.65 -42.00
CA GLN A 697 25.86 -25.14 -40.62
C GLN A 697 26.51 -24.04 -39.84
N ASP A 698 25.76 -23.54 -38.89
CA ASP A 698 26.18 -22.45 -38.07
C ASP A 698 27.05 -22.96 -36.96
N PRO A 699 28.01 -22.12 -36.51
CA PRO A 699 28.72 -22.46 -35.27
C PRO A 699 27.74 -22.37 -34.08
N LEU A 700 28.09 -23.03 -32.98
CA LEU A 700 27.27 -23.04 -31.78
C LEU A 700 27.47 -21.79 -30.94
N LEU A 701 26.39 -21.28 -30.33
CA LEU A 701 26.50 -20.15 -29.43
C LEU A 701 26.56 -20.64 -28.00
N GLU A 702 27.29 -19.92 -27.15
CA GLU A 702 27.28 -20.17 -25.70
C GLU A 702 26.08 -19.29 -25.35
N ASP A 703 24.87 -19.85 -25.48
CA ASP A 703 23.63 -19.11 -25.42
C ASP A 703 22.84 -19.25 -24.12
N TRP A 704 23.52 -19.64 -23.03
CA TRP A 704 22.86 -19.71 -21.73
C TRP A 704 22.46 -18.27 -21.28
N LEU A 705 21.44 -18.18 -20.43
CA LEU A 705 20.97 -16.88 -19.97
C LEU A 705 20.35 -16.94 -18.60
N SER A 706 20.81 -16.06 -17.71
CA SER A 706 20.31 -15.94 -16.34
C SER A 706 18.81 -15.62 -16.33
N PRO A 707 18.03 -16.32 -15.51
CA PRO A 707 16.59 -16.05 -15.46
C PRO A 707 16.20 -14.71 -14.85
N THR A 708 17.15 -14.06 -14.15
CA THR A 708 16.97 -12.77 -13.48
C THR A 708 17.94 -11.72 -14.02
N LEU A 709 17.60 -10.44 -13.82
CA LEU A 709 18.47 -9.35 -14.23
C LEU A 709 19.37 -8.89 -13.07
N ASP A 710 19.76 -9.81 -12.17
CA ASP A 710 20.61 -9.45 -11.05
C ASP A 710 22.11 -9.60 -11.38
#